data_1PBY
#
_entry.id   1PBY
#
_cell.length_a   99.237
_cell.length_b   99.237
_cell.length_c   213.056
_cell.angle_alpha   90.00
_cell.angle_beta   90.00
_cell.angle_gamma   90.00
#
_symmetry.space_group_name_H-M   'P 41 21 2'
#
loop_
_entity.id
_entity.type
_entity.pdbx_description
1 polymer 'quinohemoprotein amine dehydrogenase 60 kDa subunit'
2 polymer 'quinohemoprotein amine dehydrogenase 40 kDa subunit'
3 polymer 'quinohemoprotein amine dehydrogenase 9 kDa subunit'
4 non-polymer 'HEME C'
5 non-polymer 'TERTIARY-BUTYL ALCOHOL'
6 water water
#
loop_
_entity_poly.entity_id
_entity_poly.type
_entity_poly.pdbx_seq_one_letter_code
_entity_poly.pdbx_strand_id
1 'polypeptide(L)'
;VTGEEVLQNACAACHVQHEDGRWERIDAARKTPEGWDMTVTRMMRNHGVALEPEERAAIVRHLSDTRGLSLAETEERRYI
LEREPVAWDEGPDTSMTQTCGRCHSYARVALQRRTPEDWKHLVNFHLGQFPTLEYQALARDRDWWGIAQAEIIPFLARTY
PLGEAPDAYADDASGAYVLAGRQPGRGDYTGRLVLKKAGEDYEVTMTLDFADGSRSFSGTGRILGAGEWRATLSDGTVTI
RQIFALQDGRFSGRWHDADSDVIGGRLAAVKADAAPQVLAVAPARLKIGEETQLRVAGTGLGSDLTLPEGVAGSVESAGN
GVTVLKLTATGTPGPVSLELGGQKVDLVAYDRPDRISIVPDLTIARIGGNGGPIPKVPAQFEAMGWLNGPDGQPGTGDDI
ALGAFPASWATDNFDEEAEKMQDAKYAGSIDDTGLFTPAEAGPNPERPMQTNNAGNLKVIATVDAEGEPLSAEAHLYATV
QRFVDAPIR
;
A
2 'polypeptide(L)'
;RDYILAPARPDKLVVIDTEKMAVDKVITIADAGPTPMVPMVAPGGRIAYATVNKSESLVKIDLVTGETLGRIDLSTPEER
VKSLFGAALSPDGKTLAIYESPVRLELTHFEVQPTRVALYDAETLSRRKAFEAPRQITMLAWARDGSKLYGLGRDLHVMD
PEAGTLVEDKPIQSWEAETYAQPDVLAVWNQHESSGVMATPFYTARKDIDPADPTAYRTGLLTMDLETGEMAMREVRIMD
VFYFSTAVNPAKTRAFGAYNVLESFDLEKNASIKRVPLPHSYYSVNVSTDGSTVWLGGALGDLAAYDAETLEKKGQVDLP
GNASMSLASVRLFTRDE
;
B
3 'polypeptide(L)'
;MNALVGCTTSFDPGWEVDAFGAVSNLCQPMEADLYGCADPCW(TRW)PAQVADTLNTYPNWSAGADDVMQDWRKLQSVFP
ETK
;
C
#
loop_
_chem_comp.id
_chem_comp.type
_chem_comp.name
_chem_comp.formula
HEC non-polymer 'HEME C' 'C34 H34 Fe N4 O4'
TBU non-polymer 'TERTIARY-BUTYL ALCOHOL' 'C4 H10 O'
#
# COMPACT_ATOMS: atom_id res chain seq x y z
N VAL A 1 12.72 33.25 4.76
CA VAL A 1 12.67 33.12 3.28
C VAL A 1 11.21 33.21 2.81
N THR A 2 11.00 33.75 1.61
CA THR A 2 9.65 33.87 1.07
C THR A 2 9.43 32.85 -0.05
N GLY A 3 8.18 32.59 -0.38
CA GLY A 3 7.87 31.65 -1.43
C GLY A 3 8.38 32.15 -2.77
N GLU A 4 8.08 33.41 -3.07
CA GLU A 4 8.52 34.03 -4.32
C GLU A 4 10.03 33.85 -4.53
N GLU A 5 10.76 33.93 -3.43
CA GLU A 5 12.21 33.79 -3.45
C GLU A 5 12.63 32.37 -3.89
N VAL A 6 12.01 31.36 -3.29
CA VAL A 6 12.34 29.99 -3.64
C VAL A 6 11.92 29.65 -5.08
N LEU A 7 10.79 30.21 -5.51
CA LEU A 7 10.32 29.96 -6.87
C LEU A 7 11.36 30.46 -7.89
N GLN A 8 11.87 31.67 -7.67
CA GLN A 8 12.86 32.26 -8.57
C GLN A 8 14.27 31.69 -8.43
N ASN A 9 14.67 31.37 -7.20
CA ASN A 9 16.02 30.87 -6.95
C ASN A 9 16.21 29.34 -7.02
N ALA A 10 15.13 28.58 -6.86
CA ALA A 10 15.26 27.13 -6.91
C ALA A 10 14.36 26.48 -7.98
N CYS A 11 13.07 26.78 -7.94
CA CYS A 11 12.12 26.20 -8.88
C CYS A 11 12.35 26.63 -10.34
N ALA A 12 12.71 27.89 -10.53
CA ALA A 12 12.94 28.43 -11.87
C ALA A 12 14.05 27.72 -12.66
N ALA A 13 14.82 26.88 -11.99
CA ALA A 13 15.90 26.15 -12.65
C ALA A 13 15.35 25.17 -13.70
N CYS A 14 14.12 24.72 -13.50
CA CYS A 14 13.49 23.80 -14.43
C CYS A 14 12.09 24.28 -14.84
N HIS A 15 11.38 24.88 -13.90
CA HIS A 15 10.03 25.37 -14.15
C HIS A 15 10.00 26.77 -14.81
N VAL A 16 9.55 26.80 -16.05
CA VAL A 16 9.46 28.05 -16.81
C VAL A 16 8.31 28.95 -16.35
N GLN A 17 8.60 30.23 -16.18
CA GLN A 17 7.58 31.19 -15.79
C GLN A 17 7.16 31.87 -17.09
N HIS A 18 5.95 31.56 -17.56
CA HIS A 18 5.42 32.14 -18.79
C HIS A 18 5.31 33.67 -18.68
N GLU A 19 5.20 34.34 -19.82
CA GLU A 19 5.09 35.79 -19.85
C GLU A 19 3.87 36.34 -19.07
N ASP A 20 2.86 35.52 -18.89
CA ASP A 20 1.67 35.96 -18.16
C ASP A 20 1.88 35.89 -16.64
N GLY A 21 3.05 35.42 -16.23
CA GLY A 21 3.35 35.32 -14.81
C GLY A 21 3.20 33.92 -14.25
N ARG A 22 2.31 33.14 -14.83
CA ARG A 22 2.07 31.77 -14.37
C ARG A 22 3.28 30.84 -14.61
N TRP A 23 3.46 29.90 -13.68
CA TRP A 23 4.56 28.94 -13.74
C TRP A 23 4.12 27.59 -14.32
N GLU A 24 4.96 27.01 -15.16
CA GLU A 24 4.68 25.70 -15.76
C GLU A 24 4.44 24.68 -14.63
N ARG A 25 3.36 23.92 -14.74
CA ARG A 25 2.95 22.91 -13.76
C ARG A 25 2.40 23.54 -12.46
N ILE A 26 3.25 24.30 -11.78
CA ILE A 26 2.90 24.93 -10.51
C ILE A 26 1.57 25.71 -10.53
N ASP A 27 1.30 26.45 -11.60
CA ASP A 27 0.07 27.22 -11.68
C ASP A 27 -1.07 26.50 -12.40
N ALA A 28 -0.95 25.18 -12.55
CA ALA A 28 -1.99 24.39 -13.21
C ALA A 28 -2.60 23.35 -12.24
N ALA A 29 -2.35 23.54 -10.94
CA ALA A 29 -2.89 22.64 -9.93
C ALA A 29 -3.12 23.33 -8.58
N ARG A 30 -4.08 22.83 -7.83
CA ARG A 30 -4.39 23.33 -6.49
C ARG A 30 -4.54 22.08 -5.59
N LYS A 31 -4.06 22.18 -4.36
CA LYS A 31 -4.14 21.06 -3.44
C LYS A 31 -3.93 21.55 -2.00
N THR A 32 -4.03 20.63 -1.05
CA THR A 32 -3.89 20.92 0.37
C THR A 32 -2.42 21.15 0.77
N PRO A 33 -2.18 21.64 2.00
CA PRO A 33 -0.82 21.87 2.45
C PRO A 33 -0.02 20.57 2.42
N GLU A 34 -0.66 19.49 2.84
CA GLU A 34 -0.03 18.17 2.85
C GLU A 34 0.29 17.77 1.41
N GLY A 35 -0.61 18.12 0.50
CA GLY A 35 -0.38 17.81 -0.90
C GLY A 35 0.85 18.52 -1.42
N TRP A 36 0.94 19.83 -1.17
CA TRP A 36 2.10 20.57 -1.64
C TRP A 36 3.40 20.09 -0.97
N ASP A 37 3.30 19.64 0.28
CA ASP A 37 4.48 19.13 0.98
C ASP A 37 5.02 17.92 0.19
N MET A 38 4.12 17.00 -0.17
CA MET A 38 4.53 15.80 -0.93
C MET A 38 5.16 16.14 -2.29
N THR A 39 4.60 17.11 -3.00
CA THR A 39 5.15 17.49 -4.30
C THR A 39 6.56 18.06 -4.14
N VAL A 40 6.74 18.98 -3.20
CA VAL A 40 8.05 19.57 -2.97
C VAL A 40 9.06 18.50 -2.52
N THR A 41 8.59 17.57 -1.69
CA THR A 41 9.45 16.50 -1.22
C THR A 41 9.96 15.69 -2.43
N ARG A 42 9.09 15.43 -3.40
CA ARG A 42 9.49 14.67 -4.58
C ARG A 42 10.52 15.43 -5.44
N MET A 43 10.39 16.76 -5.50
CA MET A 43 11.34 17.56 -6.27
C MET A 43 12.73 17.38 -5.63
N MET A 44 12.77 17.42 -4.31
CA MET A 44 14.02 17.24 -3.58
C MET A 44 14.58 15.81 -3.73
N ARG A 45 13.70 14.83 -3.56
CA ARG A 45 14.10 13.44 -3.63
C ARG A 45 14.43 12.91 -5.03
N ASN A 46 13.50 13.11 -5.97
CA ASN A 46 13.66 12.61 -7.33
C ASN A 46 14.49 13.46 -8.29
N HIS A 47 14.43 14.76 -8.12
CA HIS A 47 15.13 15.63 -9.05
C HIS A 47 16.28 16.45 -8.47
N GLY A 48 16.78 16.01 -7.33
CA GLY A 48 17.90 16.67 -6.69
C GLY A 48 17.77 18.16 -6.40
N VAL A 49 16.54 18.64 -6.20
CA VAL A 49 16.35 20.05 -5.90
C VAL A 49 16.80 20.32 -4.45
N ALA A 50 17.92 21.03 -4.32
CA ALA A 50 18.46 21.35 -3.01
C ALA A 50 17.64 22.44 -2.32
N LEU A 51 17.12 22.13 -1.14
CA LEU A 51 16.34 23.09 -0.37
C LEU A 51 16.72 23.02 1.12
N GLU A 52 16.99 24.18 1.70
CA GLU A 52 17.33 24.25 3.12
C GLU A 52 15.98 24.15 3.84
N PRO A 53 16.00 23.74 5.12
CA PRO A 53 14.76 23.62 5.87
C PRO A 53 13.83 24.84 5.75
N GLU A 54 14.39 26.04 5.84
CA GLU A 54 13.61 27.27 5.76
C GLU A 54 12.99 27.48 4.37
N GLU A 55 13.74 27.13 3.33
CA GLU A 55 13.27 27.28 1.96
C GLU A 55 12.15 26.27 1.69
N ARG A 56 12.36 25.03 2.12
CA ARG A 56 11.36 23.99 1.93
C ARG A 56 10.03 24.43 2.58
N ALA A 57 10.10 24.86 3.84
CA ALA A 57 8.91 25.30 4.55
C ALA A 57 8.26 26.53 3.89
N ALA A 58 9.09 27.46 3.41
CA ALA A 58 8.57 28.68 2.78
C ALA A 58 7.81 28.40 1.48
N ILE A 59 8.38 27.56 0.61
CA ILE A 59 7.71 27.28 -0.65
C ILE A 59 6.42 26.48 -0.41
N VAL A 60 6.46 25.50 0.48
CA VAL A 60 5.26 24.72 0.78
C VAL A 60 4.18 25.64 1.36
N ARG A 61 4.56 26.55 2.24
CA ARG A 61 3.59 27.47 2.84
C ARG A 61 3.03 28.43 1.77
N HIS A 62 3.91 28.94 0.93
CA HIS A 62 3.49 29.87 -0.13
C HIS A 62 2.47 29.20 -1.05
N LEU A 63 2.74 27.97 -1.45
CA LEU A 63 1.85 27.24 -2.33
C LEU A 63 0.50 26.98 -1.65
N SER A 64 0.53 26.67 -0.35
CA SER A 64 -0.69 26.40 0.40
C SER A 64 -1.50 27.70 0.56
N ASP A 65 -0.80 28.83 0.67
CA ASP A 65 -1.43 30.14 0.85
C ASP A 65 -2.01 30.75 -0.43
N THR A 66 -1.43 30.39 -1.58
CA THR A 66 -1.85 30.95 -2.85
C THR A 66 -2.50 29.96 -3.83
N ARG A 67 -2.21 28.68 -3.67
CA ARG A 67 -2.75 27.67 -4.58
C ARG A 67 -3.36 26.49 -3.82
N GLY A 68 -4.12 26.79 -2.76
CA GLY A 68 -4.74 25.76 -1.96
C GLY A 68 -6.20 25.57 -2.31
N LEU A 69 -6.91 24.79 -1.49
CA LEU A 69 -8.32 24.53 -1.70
C LEU A 69 -9.14 25.33 -0.67
N SER A 70 -10.43 25.46 -0.93
CA SER A 70 -11.29 26.15 0.02
C SER A 70 -11.62 25.04 1.03
N LEU A 71 -12.22 25.38 2.15
CA LEU A 71 -12.58 24.36 3.12
C LEU A 71 -13.68 23.46 2.54
N ALA A 72 -14.59 24.05 1.76
CA ALA A 72 -15.68 23.30 1.16
C ALA A 72 -15.14 22.22 0.20
N GLU A 73 -14.07 22.53 -0.51
CA GLU A 73 -13.48 21.59 -1.46
C GLU A 73 -12.85 20.36 -0.78
N THR A 74 -12.73 20.40 0.55
CA THR A 74 -12.15 19.27 1.28
C THR A 74 -13.24 18.41 1.96
N GLU A 75 -14.50 18.83 1.84
CA GLU A 75 -15.60 18.11 2.48
C GLU A 75 -15.66 16.62 2.09
N GLU A 76 -15.89 15.78 3.09
CA GLU A 76 -15.98 14.33 2.93
C GLU A 76 -14.60 13.64 2.77
N ARG A 77 -13.54 14.43 2.74
CA ARG A 77 -12.19 13.87 2.59
C ARG A 77 -11.20 14.33 3.65
N ARG A 78 -11.67 15.06 4.65
CA ARG A 78 -10.76 15.56 5.68
C ARG A 78 -10.11 14.44 6.53
N TYR A 79 -10.73 13.26 6.54
CA TYR A 79 -10.19 12.14 7.31
C TYR A 79 -8.73 11.82 6.96
N ILE A 80 -8.38 11.98 5.68
CA ILE A 80 -7.02 11.67 5.24
C ILE A 80 -6.01 12.72 5.74
N LEU A 81 -6.45 13.96 5.89
CA LEU A 81 -5.58 15.02 6.37
C LEU A 81 -5.41 14.90 7.91
N GLU A 82 -6.48 14.49 8.58
CA GLU A 82 -6.48 14.35 10.03
C GLU A 82 -5.86 13.03 10.53
N ARG A 83 -5.55 12.13 9.60
CA ARG A 83 -4.98 10.83 9.94
C ARG A 83 -5.99 10.09 10.82
N GLU A 84 -7.27 10.35 10.60
CA GLU A 84 -8.34 9.72 11.35
C GLU A 84 -8.30 8.19 11.12
N PRO A 85 -8.12 7.40 12.18
CA PRO A 85 -8.06 5.95 12.05
C PRO A 85 -9.40 5.25 11.74
N VAL A 86 -10.50 5.88 12.13
CA VAL A 86 -11.83 5.32 11.86
C VAL A 86 -12.36 6.01 10.60
N ALA A 87 -12.05 5.45 9.43
CA ALA A 87 -12.47 6.04 8.18
C ALA A 87 -12.73 5.01 7.08
N TRP A 88 -13.33 5.49 6.00
N TRP A 88 -13.34 5.49 6.00
CA TRP A 88 -13.66 4.65 4.85
CA TRP A 88 -13.65 4.67 4.84
C TRP A 88 -13.27 5.43 3.59
C TRP A 88 -13.26 5.45 3.59
N ASP A 89 -12.47 4.82 2.72
CA ASP A 89 -12.02 5.49 1.52
C ASP A 89 -12.40 4.77 0.22
N GLU A 90 -13.00 5.51 -0.70
CA GLU A 90 -13.38 4.96 -1.99
C GLU A 90 -13.55 6.08 -3.02
N GLY A 91 -13.61 5.69 -4.29
CA GLY A 91 -13.78 6.66 -5.36
C GLY A 91 -15.26 6.72 -5.71
N PRO A 92 -15.65 7.55 -6.70
CA PRO A 92 -17.05 7.69 -7.12
C PRO A 92 -17.65 6.44 -7.77
N ASP A 93 -16.80 5.57 -8.31
CA ASP A 93 -17.27 4.34 -8.96
C ASP A 93 -16.18 3.26 -8.92
N THR A 94 -16.57 2.03 -9.24
CA THR A 94 -15.62 0.92 -9.23
C THR A 94 -14.36 1.18 -10.06
N SER A 95 -14.54 1.75 -11.26
CA SER A 95 -13.42 2.04 -12.13
C SER A 95 -12.39 2.95 -11.47
N MET A 96 -12.84 4.06 -10.90
CA MET A 96 -11.92 4.99 -10.28
C MET A 96 -11.33 4.46 -8.97
N THR A 97 -12.14 3.70 -8.21
CA THR A 97 -11.66 3.13 -6.95
C THR A 97 -10.52 2.14 -7.25
N GLN A 98 -10.73 1.26 -8.21
CA GLN A 98 -9.70 0.28 -8.55
C GLN A 98 -8.47 0.90 -9.23
N THR A 99 -8.73 1.86 -10.12
CA THR A 99 -7.65 2.48 -10.86
C THR A 99 -6.79 3.46 -10.06
N CYS A 100 -7.44 4.26 -9.22
CA CYS A 100 -6.74 5.30 -8.47
C CYS A 100 -6.67 5.19 -6.96
N GLY A 101 -7.34 4.18 -6.39
CA GLY A 101 -7.32 4.04 -4.94
C GLY A 101 -6.76 2.70 -4.48
N ARG A 102 -6.09 1.98 -5.37
CA ARG A 102 -5.55 0.66 -5.01
C ARG A 102 -4.14 0.70 -4.38
N CYS A 103 -3.42 1.80 -4.53
CA CYS A 103 -2.10 1.93 -3.91
C CYS A 103 -2.28 2.88 -2.73
N HIS A 104 -2.64 4.12 -3.03
CA HIS A 104 -2.88 5.13 -1.99
C HIS A 104 -4.38 5.42 -1.95
N SER A 105 -4.81 6.18 -0.97
CA SER A 105 -6.22 6.53 -0.82
C SER A 105 -6.72 7.28 -2.05
N TYR A 106 -8.03 7.17 -2.30
CA TYR A 106 -8.59 7.90 -3.43
C TYR A 106 -8.68 9.36 -2.95
N ALA A 107 -8.71 9.56 -1.64
CA ALA A 107 -8.77 10.90 -1.06
C ALA A 107 -7.60 11.75 -1.59
N ARG A 108 -6.46 11.12 -1.81
CA ARG A 108 -5.28 11.82 -2.32
C ARG A 108 -5.62 12.46 -3.67
N VAL A 109 -6.49 11.79 -4.43
CA VAL A 109 -6.92 12.29 -5.74
C VAL A 109 -7.98 13.39 -5.59
N ALA A 110 -9.02 13.09 -4.81
CA ALA A 110 -10.14 13.99 -4.58
C ALA A 110 -9.77 15.34 -3.93
N LEU A 111 -8.59 15.41 -3.34
CA LEU A 111 -8.16 16.66 -2.71
C LEU A 111 -7.25 17.48 -3.62
N GLN A 112 -7.46 17.35 -4.93
CA GLN A 112 -6.68 18.11 -5.90
C GLN A 112 -7.61 18.63 -7.01
N ARG A 113 -7.18 19.72 -7.64
CA ARG A 113 -7.93 20.34 -8.74
C ARG A 113 -6.86 20.73 -9.77
N ARG A 114 -7.06 20.36 -11.03
CA ARG A 114 -6.07 20.67 -12.06
C ARG A 114 -6.70 20.92 -13.43
N THR A 115 -5.89 21.47 -14.34
CA THR A 115 -6.35 21.71 -15.70
C THR A 115 -6.35 20.34 -16.41
N PRO A 116 -7.06 20.22 -17.54
CA PRO A 116 -7.09 18.94 -18.24
C PRO A 116 -5.70 18.43 -18.62
N GLU A 117 -4.87 19.33 -19.14
N GLU A 117 -4.86 19.31 -19.14
CA GLU A 117 -3.52 18.98 -19.55
CA GLU A 117 -3.52 18.94 -19.54
C GLU A 117 -2.67 18.49 -18.36
C GLU A 117 -2.68 18.47 -18.35
N ASP A 118 -2.84 19.13 -17.20
CA ASP A 118 -2.06 18.73 -16.04
C ASP A 118 -2.49 17.36 -15.50
N TRP A 119 -3.79 17.04 -15.57
CA TRP A 119 -4.23 15.73 -15.12
C TRP A 119 -3.56 14.70 -16.06
N LYS A 120 -3.43 15.08 -17.33
CA LYS A 120 -2.78 14.20 -18.30
C LYS A 120 -1.32 13.98 -17.87
N HIS A 121 -0.64 15.07 -17.52
CA HIS A 121 0.75 14.97 -17.09
C HIS A 121 0.87 14.11 -15.82
N LEU A 122 -0.10 14.23 -14.93
CA LEU A 122 -0.07 13.47 -13.69
C LEU A 122 -0.15 11.96 -13.99
N VAL A 123 -1.02 11.57 -14.91
CA VAL A 123 -1.17 10.16 -15.25
C VAL A 123 0.10 9.64 -15.95
N ASN A 124 0.73 10.49 -16.77
CA ASN A 124 1.97 10.11 -17.44
C ASN A 124 3.06 9.96 -16.37
N PHE A 125 3.01 10.83 -15.35
CA PHE A 125 3.99 10.74 -14.27
C PHE A 125 3.91 9.35 -13.62
N HIS A 126 2.70 8.89 -13.35
CA HIS A 126 2.51 7.58 -12.73
C HIS A 126 3.08 6.41 -13.51
N LEU A 127 2.74 6.30 -14.79
CA LEU A 127 3.25 5.18 -15.57
C LEU A 127 4.76 5.35 -15.83
N GLY A 128 5.22 6.61 -15.84
CA GLY A 128 6.63 6.87 -16.08
C GLY A 128 7.50 6.62 -14.86
N GLN A 129 6.97 6.92 -13.68
CA GLN A 129 7.71 6.73 -12.42
C GLN A 129 7.53 5.29 -11.92
N PHE A 130 6.35 4.73 -12.18
CA PHE A 130 6.03 3.38 -11.75
C PHE A 130 5.62 2.55 -12.98
N PRO A 131 6.58 2.21 -13.84
CA PRO A 131 6.29 1.44 -15.04
C PRO A 131 5.61 0.07 -14.82
N THR A 132 5.77 -0.54 -13.65
CA THR A 132 5.11 -1.83 -13.45
C THR A 132 3.65 -1.66 -13.02
N LEU A 133 3.21 -0.41 -12.89
N LEU A 133 3.20 -0.42 -12.87
CA LEU A 133 1.84 -0.13 -12.48
CA LEU A 133 1.82 -0.21 -12.43
C LEU A 133 0.82 -0.88 -13.36
C LEU A 133 0.82 -0.93 -13.35
N GLU A 134 1.08 -0.93 -14.66
CA GLU A 134 0.18 -1.60 -15.60
C GLU A 134 0.31 -3.13 -15.59
N TYR A 135 1.19 -3.66 -14.74
CA TYR A 135 1.39 -5.11 -14.63
C TYR A 135 0.76 -5.67 -13.35
N GLN A 136 0.41 -4.78 -12.43
CA GLN A 136 -0.15 -5.16 -11.15
C GLN A 136 -1.64 -5.58 -11.16
N ALA A 137 -2.08 -6.25 -10.10
CA ALA A 137 -3.47 -6.67 -10.01
C ALA A 137 -4.37 -5.43 -10.18
N LEU A 138 -5.46 -5.61 -10.93
CA LEU A 138 -6.40 -4.54 -11.21
C LEU A 138 -5.94 -3.63 -12.36
N ALA A 139 -4.78 -3.95 -12.95
CA ALA A 139 -4.26 -3.18 -14.08
C ALA A 139 -3.88 -4.10 -15.26
N ARG A 140 -3.28 -5.26 -14.96
CA ARG A 140 -2.90 -6.19 -16.02
C ARG A 140 -4.14 -6.91 -16.60
N ASP A 141 -5.29 -6.69 -15.97
CA ASP A 141 -6.55 -7.30 -16.40
C ASP A 141 -7.26 -6.42 -17.45
N ARG A 142 -6.60 -5.37 -17.91
CA ARG A 142 -7.21 -4.47 -18.87
C ARG A 142 -6.16 -3.68 -19.65
N ASP A 143 -6.61 -2.95 -20.66
CA ASP A 143 -5.72 -2.12 -21.45
C ASP A 143 -5.59 -0.85 -20.60
N TRP A 144 -4.72 -0.90 -19.60
CA TRP A 144 -4.54 0.21 -18.68
C TRP A 144 -4.23 1.57 -19.33
N TRP A 145 -3.21 1.59 -20.18
CA TRP A 145 -2.80 2.82 -20.85
C TRP A 145 -3.88 3.36 -21.80
N GLY A 146 -4.52 2.47 -22.55
CA GLY A 146 -5.56 2.91 -23.47
C GLY A 146 -6.72 3.54 -22.71
N ILE A 147 -7.14 2.86 -21.64
CA ILE A 147 -8.25 3.32 -20.82
C ILE A 147 -7.88 4.61 -20.06
N ALA A 148 -6.62 4.71 -19.64
CA ALA A 148 -6.17 5.89 -18.91
C ALA A 148 -6.36 7.13 -19.81
N GLN A 149 -5.98 6.99 -21.07
CA GLN A 149 -6.08 8.08 -22.05
C GLN A 149 -7.53 8.42 -22.46
N ALA A 150 -8.32 7.39 -22.72
CA ALA A 150 -9.69 7.59 -23.17
C ALA A 150 -10.75 7.84 -22.09
N GLU A 151 -10.53 7.29 -20.90
CA GLU A 151 -11.53 7.43 -19.84
C GLU A 151 -11.09 8.09 -18.54
N ILE A 152 -9.96 7.65 -17.99
CA ILE A 152 -9.49 8.19 -16.72
C ILE A 152 -9.09 9.68 -16.76
N ILE A 153 -8.22 10.04 -17.70
CA ILE A 153 -7.80 11.43 -17.79
C ILE A 153 -9.01 12.37 -18.02
N PRO A 154 -9.90 12.04 -18.97
CA PRO A 154 -11.06 12.92 -19.19
C PRO A 154 -11.97 12.99 -17.95
N PHE A 155 -12.07 11.87 -17.21
CA PHE A 155 -12.88 11.86 -16.01
C PHE A 155 -12.30 12.81 -14.95
N LEU A 156 -10.98 12.72 -14.76
CA LEU A 156 -10.31 13.58 -13.78
C LEU A 156 -10.45 15.06 -14.17
N ALA A 157 -10.24 15.35 -15.44
CA ALA A 157 -10.33 16.72 -15.96
C ALA A 157 -11.72 17.31 -15.73
N ARG A 158 -12.74 16.52 -16.04
CA ARG A 158 -14.13 16.92 -15.91
C ARG A 158 -14.63 17.00 -14.45
N THR A 159 -14.14 16.09 -13.62
CA THR A 159 -14.55 16.02 -12.22
C THR A 159 -13.80 16.96 -11.25
N TYR A 160 -12.51 17.17 -11.50
CA TYR A 160 -11.70 18.03 -10.63
C TYR A 160 -11.00 19.15 -11.41
N PRO A 161 -11.79 20.08 -11.99
CA PRO A 161 -11.23 21.18 -12.75
C PRO A 161 -10.46 22.16 -11.84
N LEU A 162 -9.53 22.89 -12.43
CA LEU A 162 -8.70 23.83 -11.68
C LEU A 162 -9.47 24.88 -10.85
N GLY A 163 -10.45 25.52 -11.47
CA GLY A 163 -11.21 26.53 -10.75
C GLY A 163 -10.29 27.64 -10.30
N GLU A 164 -10.60 28.27 -9.17
CA GLU A 164 -9.76 29.34 -8.67
C GLU A 164 -9.46 29.21 -7.17
N ALA A 165 -8.24 29.57 -6.79
CA ALA A 165 -7.82 29.50 -5.41
C ALA A 165 -8.60 30.52 -4.57
N PRO A 166 -8.96 30.14 -3.33
CA PRO A 166 -9.71 31.04 -2.46
C PRO A 166 -8.77 32.07 -1.81
N ASP A 167 -9.35 33.13 -1.27
CA ASP A 167 -8.57 34.17 -0.60
C ASP A 167 -8.05 33.57 0.71
N ALA A 168 -6.85 33.97 1.10
CA ALA A 168 -6.25 33.45 2.32
C ALA A 168 -6.89 34.10 3.55
N TYR A 169 -6.86 33.38 4.67
CA TYR A 169 -7.40 33.88 5.93
C TYR A 169 -6.69 35.22 6.13
N ALA A 170 -7.44 36.26 6.49
CA ALA A 170 -6.85 37.59 6.67
C ALA A 170 -7.16 38.27 8.01
N ASP A 171 -7.63 37.50 8.99
CA ASP A 171 -7.94 38.07 10.30
C ASP A 171 -6.85 37.66 11.31
N ASP A 172 -7.06 38.04 12.56
CA ASP A 172 -6.13 37.70 13.63
C ASP A 172 -6.84 36.73 14.56
N ALA A 173 -6.40 35.46 14.57
CA ALA A 173 -7.02 34.44 15.39
C ALA A 173 -6.58 34.48 16.87
N SER A 174 -5.76 35.45 17.24
CA SER A 174 -5.27 35.56 18.61
C SER A 174 -6.40 35.63 19.65
N GLY A 175 -6.12 35.14 20.85
CA GLY A 175 -7.11 35.17 21.90
C GLY A 175 -7.31 33.85 22.62
N ALA A 176 -8.24 33.85 23.58
CA ALA A 176 -8.55 32.67 24.36
C ALA A 176 -9.81 32.00 23.80
N TYR A 177 -9.77 30.67 23.71
CA TYR A 177 -10.89 29.88 23.20
C TYR A 177 -11.31 28.81 24.22
N VAL A 178 -12.57 28.43 24.14
CA VAL A 178 -13.10 27.37 24.99
C VAL A 178 -13.23 26.17 24.04
N LEU A 179 -12.92 24.97 24.50
CA LEU A 179 -13.02 23.80 23.64
C LEU A 179 -13.72 22.62 24.33
N ALA A 180 -14.08 21.64 23.51
CA ALA A 180 -14.73 20.41 23.98
C ALA A 180 -14.58 19.36 22.88
N GLY A 181 -14.49 18.10 23.30
CA GLY A 181 -14.34 17.01 22.36
C GLY A 181 -14.09 15.73 23.12
N ARG A 182 -13.50 14.74 22.46
CA ARG A 182 -13.23 13.49 23.14
C ARG A 182 -12.07 12.74 22.50
N GLN A 183 -11.45 11.88 23.30
CA GLN A 183 -10.32 11.07 22.89
C GLN A 183 -10.71 9.60 23.03
N PRO A 184 -10.85 8.89 21.90
CA PRO A 184 -11.21 7.48 22.00
C PRO A 184 -10.26 6.74 22.96
N GLY A 185 -10.83 5.95 23.87
CA GLY A 185 -10.00 5.22 24.79
C GLY A 185 -9.80 5.89 26.13
N ARG A 186 -10.01 7.20 26.20
CA ARG A 186 -9.86 7.92 27.45
C ARG A 186 -11.19 8.60 27.85
N GLY A 187 -11.81 9.28 26.90
CA GLY A 187 -13.07 9.91 27.22
C GLY A 187 -13.25 11.35 26.76
N ASP A 188 -14.31 11.96 27.28
CA ASP A 188 -14.66 13.32 26.94
C ASP A 188 -13.83 14.33 27.72
N TYR A 189 -13.66 15.51 27.13
CA TYR A 189 -12.89 16.56 27.78
C TYR A 189 -13.39 17.95 27.39
N THR A 190 -13.02 18.91 28.21
CA THR A 190 -13.34 20.31 27.98
C THR A 190 -11.94 20.95 28.03
N GLY A 191 -11.84 22.27 27.91
CA GLY A 191 -10.53 22.86 27.96
C GLY A 191 -10.41 24.25 27.38
N ARG A 192 -9.17 24.66 27.16
CA ARG A 192 -8.89 25.99 26.62
C ARG A 192 -7.79 25.94 25.56
N LEU A 193 -7.91 26.83 24.59
CA LEU A 193 -6.96 26.95 23.51
C LEU A 193 -6.58 28.44 23.48
N VAL A 194 -5.31 28.74 23.68
CA VAL A 194 -4.87 30.13 23.67
C VAL A 194 -3.87 30.41 22.55
N LEU A 195 -4.20 31.37 21.69
CA LEU A 195 -3.33 31.76 20.59
C LEU A 195 -2.77 33.17 20.81
N LYS A 196 -1.48 33.32 20.48
CA LYS A 196 -0.79 34.60 20.60
C LYS A 196 0.00 34.79 19.30
N LYS A 197 -0.39 35.77 18.49
CA LYS A 197 0.29 36.01 17.22
C LYS A 197 1.77 36.36 17.40
N ALA A 198 2.59 35.79 16.54
CA ALA A 198 4.03 36.02 16.55
C ALA A 198 4.49 36.01 15.09
N GLY A 199 4.57 37.19 14.48
CA GLY A 199 4.95 37.28 13.10
C GLY A 199 3.81 36.69 12.28
N GLU A 200 4.09 35.72 11.43
CA GLU A 200 3.05 35.11 10.63
C GLU A 200 2.49 33.83 11.25
N ASP A 201 3.04 33.43 12.40
CA ASP A 201 2.59 32.23 13.09
C ASP A 201 1.91 32.62 14.41
N TYR A 202 1.54 31.60 15.19
CA TYR A 202 0.90 31.84 16.47
C TYR A 202 1.51 30.95 17.55
N GLU A 203 1.72 31.53 18.73
CA GLU A 203 2.21 30.76 19.85
C GLU A 203 0.89 30.10 20.26
N VAL A 204 0.92 28.82 20.62
CA VAL A 204 -0.31 28.15 20.99
C VAL A 204 -0.18 27.22 22.19
N THR A 205 -1.20 27.25 23.04
CA THR A 205 -1.24 26.36 24.19
C THR A 205 -2.64 25.76 24.24
N MET A 206 -2.70 24.44 24.39
CA MET A 206 -3.98 23.75 24.47
C MET A 206 -4.01 22.98 25.79
N THR A 207 -5.09 23.17 26.54
CA THR A 207 -5.24 22.50 27.82
C THR A 207 -6.44 21.55 27.72
N LEU A 208 -6.21 20.28 28.03
CA LEU A 208 -7.29 19.29 27.98
C LEU A 208 -7.67 18.91 29.41
N ASP A 209 -8.94 19.14 29.76
CA ASP A 209 -9.43 18.81 31.08
C ASP A 209 -10.34 17.57 31.05
N PHE A 210 -9.83 16.44 31.54
CA PHE A 210 -10.64 15.23 31.59
C PHE A 210 -11.20 15.14 33.01
N ALA A 211 -12.10 14.18 33.24
CA ALA A 211 -12.69 14.02 34.55
C ALA A 211 -11.64 13.74 35.65
N ASP A 212 -10.61 12.98 35.30
CA ASP A 212 -9.57 12.62 36.26
C ASP A 212 -8.36 13.57 36.32
N GLY A 213 -8.25 14.49 35.37
CA GLY A 213 -7.13 15.39 35.39
C GLY A 213 -6.98 16.26 34.15
N SER A 214 -5.99 17.15 34.20
CA SER A 214 -5.72 18.07 33.10
C SER A 214 -4.24 18.04 32.69
N ARG A 215 -3.98 18.50 31.47
CA ARG A 215 -2.62 18.56 30.95
C ARG A 215 -2.59 19.65 29.87
N SER A 216 -1.48 20.39 29.80
CA SER A 216 -1.34 21.45 28.82
C SER A 216 -0.16 21.18 27.89
N PHE A 217 -0.31 21.59 26.63
CA PHE A 217 0.73 21.43 25.63
C PHE A 217 0.94 22.82 25.00
N SER A 218 2.20 23.15 24.71
CA SER A 218 2.50 24.44 24.11
C SER A 218 3.38 24.30 22.87
N GLY A 219 3.13 25.15 21.88
CA GLY A 219 3.91 25.09 20.66
C GLY A 219 3.61 26.23 19.71
N THR A 220 3.71 25.94 18.43
CA THR A 220 3.49 26.93 17.39
C THR A 220 2.50 26.43 16.33
N GLY A 221 1.68 27.35 15.82
CA GLY A 221 0.71 26.98 14.80
C GLY A 221 0.61 28.04 13.73
N ARG A 222 -0.14 27.76 12.68
CA ARG A 222 -0.31 28.70 11.60
C ARG A 222 -1.54 28.37 10.77
N ILE A 223 -2.09 29.38 10.10
CA ILE A 223 -3.25 29.21 9.25
C ILE A 223 -2.73 29.20 7.81
N LEU A 224 -3.02 28.13 7.08
CA LEU A 224 -2.57 28.00 5.70
C LEU A 224 -3.74 28.17 4.73
N GLY A 225 -3.55 29.04 3.73
CA GLY A 225 -4.61 29.27 2.77
C GLY A 225 -5.87 29.83 3.40
N ALA A 226 -7.02 29.40 2.89
CA ALA A 226 -8.30 29.90 3.39
C ALA A 226 -8.60 29.57 4.87
N GLY A 227 -8.26 28.36 5.31
CA GLY A 227 -8.55 28.02 6.69
C GLY A 227 -7.97 26.73 7.22
N GLU A 228 -6.83 26.30 6.69
CA GLU A 228 -6.21 25.07 7.18
C GLU A 228 -5.24 25.38 8.34
N TRP A 229 -5.64 25.02 9.55
CA TRP A 229 -4.81 25.25 10.73
C TRP A 229 -3.93 24.03 11.04
N ARG A 230 -2.64 24.28 11.19
CA ARG A 230 -1.68 23.23 11.52
C ARG A 230 -0.80 23.74 12.66
N ALA A 231 -0.59 22.90 13.67
CA ALA A 231 0.24 23.29 14.80
C ALA A 231 0.91 22.06 15.42
N THR A 232 2.07 22.29 16.02
CA THR A 232 2.82 21.25 16.69
C THR A 232 3.02 21.76 18.12
N LEU A 233 2.60 20.98 19.11
CA LEU A 233 2.72 21.36 20.51
C LEU A 233 3.39 20.24 21.29
N SER A 234 3.96 20.56 22.45
N SER A 234 3.97 20.57 22.44
CA SER A 234 4.61 19.54 23.26
CA SER A 234 4.63 19.56 23.26
C SER A 234 4.46 19.82 24.76
C SER A 234 4.48 19.82 24.77
N ASP A 235 4.71 18.78 25.55
CA ASP A 235 4.66 18.85 27.00
C ASP A 235 5.59 17.73 27.42
N GLY A 236 6.72 18.08 28.01
CA GLY A 236 7.66 17.04 28.39
C GLY A 236 8.16 16.39 27.11
N THR A 237 8.19 15.06 27.09
CA THR A 237 8.67 14.33 25.92
C THR A 237 7.56 14.01 24.91
N VAL A 238 6.35 14.46 25.22
CA VAL A 238 5.20 14.21 24.34
C VAL A 238 4.95 15.37 23.36
N THR A 239 4.81 15.02 22.08
CA THR A 239 4.53 16.01 21.05
C THR A 239 3.25 15.60 20.33
N ILE A 240 2.39 16.57 20.06
CA ILE A 240 1.14 16.31 19.36
C ILE A 240 1.02 17.26 18.17
N ARG A 241 0.16 16.90 17.23
CA ARG A 241 -0.08 17.72 16.04
C ARG A 241 -1.57 18.08 15.99
N GLN A 242 -1.87 19.30 15.58
CA GLN A 242 -3.24 19.75 15.45
C GLN A 242 -3.54 19.94 13.96
N ILE A 243 -4.62 19.32 13.50
CA ILE A 243 -5.05 19.43 12.10
C ILE A 243 -6.49 19.92 12.18
N PHE A 244 -6.66 21.24 12.17
CA PHE A 244 -7.98 21.84 12.28
C PHE A 244 -8.36 22.69 11.07
N ALA A 245 -9.66 22.97 10.98
CA ALA A 245 -10.20 23.84 9.96
C ALA A 245 -10.64 25.05 10.80
N LEU A 246 -10.38 26.25 10.31
CA LEU A 246 -10.78 27.46 11.02
C LEU A 246 -11.78 28.19 10.11
N GLN A 247 -12.99 28.35 10.60
CA GLN A 247 -14.03 29.03 9.84
C GLN A 247 -14.99 29.74 10.80
N ASP A 248 -15.25 31.01 10.52
CA ASP A 248 -16.16 31.81 11.35
C ASP A 248 -15.67 31.86 12.81
N GLY A 249 -14.36 32.03 12.97
CA GLY A 249 -13.78 32.09 14.31
C GLY A 249 -13.93 30.82 15.12
N ARG A 250 -14.18 29.70 14.46
CA ARG A 250 -14.34 28.42 15.15
C ARG A 250 -13.39 27.35 14.58
N PHE A 251 -12.70 26.66 15.48
CA PHE A 251 -11.79 25.58 15.09
C PHE A 251 -12.54 24.25 15.24
N SER A 252 -12.26 23.32 14.33
CA SER A 252 -12.85 21.99 14.40
C SER A 252 -11.85 21.06 13.72
N GLY A 253 -11.70 19.86 14.25
CA GLY A 253 -10.76 18.94 13.67
C GLY A 253 -10.21 17.91 14.63
N ARG A 254 -9.06 17.37 14.29
CA ARG A 254 -8.43 16.34 15.09
C ARG A 254 -6.98 16.66 15.43
N TRP A 255 -6.55 16.25 16.62
CA TRP A 255 -5.17 16.41 17.03
C TRP A 255 -4.73 14.96 17.32
N HIS A 256 -3.43 14.70 17.21
CA HIS A 256 -2.97 13.35 17.47
C HIS A 256 -1.54 13.32 17.99
N ASP A 257 -1.18 12.17 18.57
CA ASP A 257 0.15 11.93 19.09
C ASP A 257 1.10 11.99 17.87
N ALA A 258 2.12 12.83 17.92
CA ALA A 258 3.07 12.96 16.83
C ALA A 258 3.82 11.65 16.52
N ASP A 259 3.97 10.79 17.52
CA ASP A 259 4.67 9.53 17.32
C ASP A 259 3.74 8.34 17.02
N SER A 260 2.44 8.56 17.12
CA SER A 260 1.46 7.50 16.87
C SER A 260 0.14 8.17 16.51
N ASP A 261 -0.04 8.50 15.23
CA ASP A 261 -1.23 9.20 14.80
C ASP A 261 -2.58 8.50 14.97
N VAL A 262 -2.56 7.22 15.35
CA VAL A 262 -3.81 6.49 15.58
C VAL A 262 -4.41 6.97 16.91
N ILE A 263 -3.55 7.52 17.77
CA ILE A 263 -3.95 8.02 19.07
C ILE A 263 -4.20 9.54 19.02
N GLY A 264 -5.40 9.96 19.37
CA GLY A 264 -5.72 11.39 19.34
C GLY A 264 -7.15 11.67 19.69
N GLY A 265 -7.60 12.89 19.41
CA GLY A 265 -8.96 13.26 19.73
C GLY A 265 -9.52 14.30 18.79
N ARG A 266 -10.83 14.50 18.85
CA ARG A 266 -11.50 15.47 18.00
C ARG A 266 -12.04 16.58 18.90
N LEU A 267 -12.13 17.79 18.37
CA LEU A 267 -12.63 18.91 19.16
C LEU A 267 -13.17 20.05 18.30
N ALA A 268 -13.79 21.01 18.98
CA ALA A 268 -14.31 22.20 18.35
C ALA A 268 -13.96 23.27 19.40
N ALA A 269 -13.63 24.48 18.96
CA ALA A 269 -13.28 25.55 19.87
C ALA A 269 -13.79 26.90 19.35
N VAL A 270 -14.30 27.72 20.26
CA VAL A 270 -14.83 29.04 19.91
C VAL A 270 -14.26 30.06 20.93
N LYS A 271 -14.21 31.33 20.54
CA LYS A 271 -13.71 32.38 21.42
C LYS A 271 -14.40 32.32 22.78
N ALA A 272 -13.61 32.43 23.85
CA ALA A 272 -14.15 32.35 25.21
C ALA A 272 -15.19 33.43 25.53
N ASP A 273 -15.07 34.59 24.89
CA ASP A 273 -16.00 35.69 25.13
C ASP A 273 -17.29 35.65 24.28
N ALA A 274 -17.42 34.64 23.42
CA ALA A 274 -18.57 34.55 22.54
C ALA A 274 -19.94 34.41 23.21
N ALA A 275 -20.97 34.70 22.43
CA ALA A 275 -22.35 34.63 22.90
C ALA A 275 -22.68 33.17 23.25
N PRO A 276 -23.79 32.95 23.97
CA PRO A 276 -24.21 31.61 24.37
C PRO A 276 -24.17 30.59 23.20
N GLN A 277 -23.39 29.53 23.39
CA GLN A 277 -23.26 28.49 22.38
C GLN A 277 -22.82 27.18 23.04
N VAL A 278 -23.53 26.10 22.75
CA VAL A 278 -23.17 24.79 23.31
C VAL A 278 -22.26 24.04 22.33
N LEU A 279 -21.14 23.56 22.84
CA LEU A 279 -20.18 22.81 22.03
C LEU A 279 -20.46 21.31 22.18
N ALA A 280 -20.72 20.89 23.41
CA ALA A 280 -21.00 19.50 23.69
C ALA A 280 -21.40 19.30 25.16
N VAL A 281 -21.97 18.13 25.43
CA VAL A 281 -22.38 17.78 26.77
C VAL A 281 -21.88 16.36 27.02
N ALA A 282 -21.25 16.14 28.18
CA ALA A 282 -20.71 14.83 28.51
C ALA A 282 -21.01 14.45 29.96
N PRO A 283 -21.63 13.28 30.18
CA PRO A 283 -22.07 12.34 29.16
C PRO A 283 -23.28 12.89 28.39
N ALA A 284 -23.62 12.24 27.28
CA ALA A 284 -24.77 12.68 26.48
C ALA A 284 -25.95 11.73 26.74
N ARG A 285 -25.76 10.79 27.66
CA ARG A 285 -26.79 9.83 28.00
C ARG A 285 -27.14 9.89 29.49
N LEU A 286 -28.38 9.55 29.82
CA LEU A 286 -28.86 9.55 31.20
C LEU A 286 -29.50 8.20 31.51
N LYS A 287 -28.99 7.52 32.52
CA LYS A 287 -29.54 6.22 32.91
C LYS A 287 -30.77 6.50 33.78
N ILE A 288 -31.95 6.26 33.21
CA ILE A 288 -33.23 6.48 33.88
C ILE A 288 -33.25 6.14 35.38
N GLY A 289 -33.72 7.09 36.18
CA GLY A 289 -33.81 6.89 37.61
C GLY A 289 -32.48 7.01 38.33
N GLU A 290 -31.49 7.57 37.65
CA GLU A 290 -30.17 7.74 38.26
C GLU A 290 -29.60 9.15 38.09
N GLU A 291 -29.48 9.85 39.22
CA GLU A 291 -28.95 11.20 39.22
C GLU A 291 -27.49 11.15 38.73
N THR A 292 -27.17 11.99 37.76
CA THR A 292 -25.81 12.00 37.21
C THR A 292 -25.25 13.39 36.93
N GLN A 293 -23.92 13.49 36.97
CA GLN A 293 -23.20 14.73 36.72
C GLN A 293 -23.04 14.90 35.21
N LEU A 294 -23.37 16.09 34.71
CA LEU A 294 -23.23 16.37 33.28
C LEU A 294 -22.48 17.68 33.07
N ARG A 295 -21.49 17.64 32.17
CA ARG A 295 -20.71 18.83 31.88
C ARG A 295 -21.07 19.37 30.49
N VAL A 296 -21.72 20.53 30.48
CA VAL A 296 -22.11 21.17 29.24
C VAL A 296 -21.02 22.19 28.89
N ALA A 297 -20.26 21.91 27.85
CA ALA A 297 -19.18 22.80 27.43
C ALA A 297 -19.70 23.81 26.40
N GLY A 298 -19.24 25.05 26.50
CA GLY A 298 -19.68 26.08 25.59
C GLY A 298 -19.38 27.45 26.15
N THR A 299 -19.79 28.48 25.42
CA THR A 299 -19.55 29.85 25.86
C THR A 299 -20.82 30.55 26.39
N GLY A 300 -20.63 31.40 27.40
CA GLY A 300 -21.72 32.15 27.99
C GLY A 300 -23.00 31.37 28.32
N LEU A 301 -22.85 30.13 28.77
CA LEU A 301 -24.00 29.30 29.09
C LEU A 301 -24.79 29.71 30.35
N GLY A 302 -24.10 30.23 31.35
CA GLY A 302 -24.78 30.65 32.57
C GLY A 302 -25.44 29.53 33.35
N SER A 303 -26.52 29.86 34.04
CA SER A 303 -27.23 28.86 34.84
C SER A 303 -28.76 28.87 34.68
N ASP A 304 -29.26 29.52 33.63
CA ASP A 304 -30.70 29.55 33.39
C ASP A 304 -31.08 28.20 32.74
N LEU A 305 -31.60 27.30 33.56
CA LEU A 305 -31.96 25.97 33.12
C LEU A 305 -33.47 25.68 33.07
N THR A 306 -33.94 25.21 31.91
CA THR A 306 -35.34 24.85 31.74
C THR A 306 -35.37 23.37 31.32
N LEU A 307 -35.92 22.54 32.20
CA LEU A 307 -35.99 21.10 31.97
C LEU A 307 -37.36 20.60 31.52
N PRO A 308 -37.40 19.55 30.70
CA PRO A 308 -38.64 18.97 30.20
C PRO A 308 -39.25 17.99 31.21
N GLU A 309 -40.43 17.48 30.88
CA GLU A 309 -41.16 16.55 31.72
C GLU A 309 -40.36 15.48 32.49
N GLY A 310 -39.80 14.52 31.75
CA GLY A 310 -39.06 13.44 32.37
C GLY A 310 -37.75 13.70 33.09
N VAL A 311 -37.32 14.95 33.23
CA VAL A 311 -36.06 15.22 33.90
C VAL A 311 -36.10 16.35 34.95
N ALA A 312 -35.47 16.08 36.09
CA ALA A 312 -35.40 17.05 37.19
C ALA A 312 -33.94 17.15 37.64
N GLY A 313 -33.58 18.31 38.18
CA GLY A 313 -32.21 18.50 38.64
C GLY A 313 -31.86 19.96 38.79
N SER A 314 -30.56 20.25 38.84
CA SER A 314 -30.11 21.63 39.00
C SER A 314 -28.71 21.88 38.45
N VAL A 315 -28.27 23.13 38.56
CA VAL A 315 -26.95 23.55 38.10
C VAL A 315 -26.02 23.57 39.31
N GLU A 316 -24.91 22.85 39.23
CA GLU A 316 -23.96 22.81 40.34
C GLU A 316 -22.89 23.91 40.24
N SER A 317 -22.50 24.25 39.01
CA SER A 317 -21.49 25.27 38.79
C SER A 317 -21.56 25.80 37.35
N ALA A 318 -20.92 26.94 37.12
CA ALA A 318 -20.92 27.57 35.80
C ALA A 318 -19.71 28.49 35.63
N GLY A 319 -19.32 28.72 34.37
CA GLY A 319 -18.20 29.58 34.08
C GLY A 319 -16.98 28.86 33.53
N ASN A 320 -16.07 29.62 32.93
CA ASN A 320 -14.85 29.05 32.38
C ASN A 320 -15.14 28.00 31.29
N GLY A 321 -16.18 28.24 30.50
CA GLY A 321 -16.53 27.34 29.42
C GLY A 321 -17.27 26.06 29.77
N VAL A 322 -17.68 25.91 31.02
CA VAL A 322 -18.40 24.70 31.41
C VAL A 322 -19.47 24.93 32.50
N THR A 323 -20.68 24.46 32.25
CA THR A 323 -21.75 24.55 33.23
C THR A 323 -22.03 23.11 33.63
N VAL A 324 -21.89 22.80 34.91
CA VAL A 324 -22.11 21.45 35.40
C VAL A 324 -23.54 21.27 35.92
N LEU A 325 -24.23 20.25 35.40
CA LEU A 325 -25.60 19.97 35.80
C LEU A 325 -25.70 18.66 36.60
N LYS A 326 -26.74 18.57 37.42
CA LYS A 326 -27.01 17.38 38.21
C LYS A 326 -28.44 17.00 37.83
N LEU A 327 -28.59 16.00 36.97
CA LEU A 327 -29.90 15.60 36.51
C LEU A 327 -30.27 14.14 36.79
N THR A 328 -31.56 13.86 36.68
CA THR A 328 -32.09 12.52 36.88
C THR A 328 -33.28 12.36 35.91
N ALA A 329 -33.19 11.36 35.05
CA ALA A 329 -34.25 11.10 34.08
C ALA A 329 -35.24 10.07 34.63
N THR A 330 -36.51 10.23 34.26
CA THR A 330 -37.57 9.33 34.69
C THR A 330 -38.59 9.23 33.54
N GLY A 331 -39.01 8.00 33.24
CA GLY A 331 -39.96 7.81 32.17
C GLY A 331 -39.48 6.77 31.18
N THR A 332 -39.90 6.90 29.93
CA THR A 332 -39.51 5.96 28.89
C THR A 332 -38.23 6.39 28.17
N PRO A 333 -37.39 5.42 27.78
CA PRO A 333 -36.14 5.71 27.08
C PRO A 333 -36.40 6.54 25.81
N GLY A 334 -35.41 7.30 25.38
CA GLY A 334 -35.57 8.10 24.18
C GLY A 334 -34.90 9.47 24.25
N PRO A 335 -34.91 10.22 23.14
CA PRO A 335 -34.30 11.54 23.08
C PRO A 335 -34.96 12.53 24.04
N VAL A 336 -34.14 13.33 24.70
CA VAL A 336 -34.64 14.33 25.64
C VAL A 336 -33.81 15.61 25.45
N SER A 337 -34.48 16.76 25.46
CA SER A 337 -33.80 18.03 25.28
C SER A 337 -34.17 19.04 26.36
N LEU A 338 -33.18 19.86 26.73
CA LEU A 338 -33.38 20.90 27.72
C LEU A 338 -32.73 22.17 27.17
N GLU A 339 -32.92 23.29 27.85
CA GLU A 339 -32.31 24.53 27.41
C GLU A 339 -31.50 25.14 28.54
N LEU A 340 -30.32 25.64 28.19
CA LEU A 340 -29.44 26.27 29.15
C LEU A 340 -28.95 27.57 28.47
N GLY A 341 -29.25 28.71 29.10
CA GLY A 341 -28.85 29.97 28.53
C GLY A 341 -29.50 30.19 27.18
N GLY A 342 -30.66 29.57 26.98
CA GLY A 342 -31.38 29.70 25.72
C GLY A 342 -30.90 28.74 24.65
N GLN A 343 -29.89 27.94 24.98
CA GLN A 343 -29.33 26.98 24.02
C GLN A 343 -29.87 25.57 24.29
N LYS A 344 -30.14 24.84 23.21
CA LYS A 344 -30.65 23.49 23.34
C LYS A 344 -29.54 22.48 23.65
N VAL A 345 -29.80 21.60 24.61
CA VAL A 345 -28.85 20.56 25.00
C VAL A 345 -29.58 19.22 24.78
N ASP A 346 -29.05 18.42 23.86
CA ASP A 346 -29.66 17.12 23.56
C ASP A 346 -29.02 15.96 24.31
N LEU A 347 -29.88 15.13 24.92
CA LEU A 347 -29.44 13.97 25.66
C LEU A 347 -30.27 12.76 25.24
N VAL A 348 -30.00 11.61 25.85
CA VAL A 348 -30.74 10.39 25.55
C VAL A 348 -30.97 9.61 26.85
N ALA A 349 -32.24 9.40 27.18
CA ALA A 349 -32.60 8.67 28.38
C ALA A 349 -32.70 7.17 28.01
N TYR A 350 -32.28 6.30 28.92
CA TYR A 350 -32.32 4.86 28.65
C TYR A 350 -32.15 4.06 29.95
N ASP A 351 -32.63 2.81 29.94
CA ASP A 351 -32.48 1.95 31.10
C ASP A 351 -31.30 1.02 30.81
N ARG A 352 -31.25 0.54 29.58
CA ARG A 352 -30.18 -0.35 29.13
C ARG A 352 -30.07 -0.30 27.60
N PRO A 353 -28.86 -0.45 27.06
CA PRO A 353 -28.67 -0.43 25.61
C PRO A 353 -29.28 -1.68 24.97
N ASP A 354 -29.83 -1.53 23.76
CA ASP A 354 -30.41 -2.67 23.07
C ASP A 354 -29.27 -3.51 22.47
N ARG A 355 -28.11 -2.88 22.31
CA ARG A 355 -26.95 -3.57 21.76
C ARG A 355 -25.73 -2.64 21.76
N ILE A 356 -24.55 -3.22 21.55
CA ILE A 356 -23.32 -2.46 21.48
C ILE A 356 -22.56 -2.89 20.22
N SER A 357 -21.80 -1.96 19.65
CA SER A 357 -21.01 -2.22 18.47
C SER A 357 -19.57 -1.86 18.82
N ILE A 358 -18.63 -2.27 17.96
CA ILE A 358 -17.23 -1.94 18.18
C ILE A 358 -16.80 -0.97 17.09
N VAL A 359 -16.15 0.11 17.49
CA VAL A 359 -15.68 1.10 16.53
C VAL A 359 -14.16 1.27 16.70
N PRO A 360 -13.39 1.00 15.63
CA PRO A 360 -13.85 0.55 14.31
C PRO A 360 -14.16 -0.97 14.35
N ASP A 361 -14.95 -1.45 13.40
CA ASP A 361 -15.28 -2.87 13.37
C ASP A 361 -14.34 -3.66 12.43
N LEU A 362 -13.51 -2.94 11.71
CA LEU A 362 -12.56 -3.55 10.78
C LEU A 362 -11.37 -2.58 10.73
N THR A 363 -10.19 -3.06 11.13
CA THR A 363 -9.01 -2.19 11.12
C THR A 363 -7.70 -2.99 11.18
N ILE A 364 -6.58 -2.28 11.25
CA ILE A 364 -5.28 -2.94 11.31
C ILE A 364 -4.43 -2.39 12.46
N ALA A 365 -3.36 -3.12 12.73
CA ALA A 365 -2.36 -2.75 13.72
C ALA A 365 -1.11 -3.23 13.00
N ARG A 366 0.06 -2.69 13.32
CA ARG A 366 1.27 -3.12 12.65
C ARG A 366 2.41 -3.46 13.63
N ILE A 367 3.07 -4.58 13.37
CA ILE A 367 4.20 -5.01 14.18
C ILE A 367 5.31 -3.94 14.06
N GLY A 368 6.18 -3.87 15.05
CA GLY A 368 7.26 -2.89 15.00
C GLY A 368 8.26 -3.08 16.12
N GLY A 369 9.10 -2.07 16.31
CA GLY A 369 10.11 -2.14 17.35
C GLY A 369 11.07 -3.29 17.13
N ASN A 370 11.38 -4.01 18.19
CA ASN A 370 12.29 -5.16 18.16
C ASN A 370 13.67 -4.81 17.57
N GLY A 371 14.15 -3.60 17.87
CA GLY A 371 15.44 -3.19 17.38
C GLY A 371 15.39 -2.52 16.02
N GLY A 372 14.22 -2.51 15.40
CA GLY A 372 14.07 -1.89 14.10
C GLY A 372 13.76 -0.41 14.25
N PRO A 373 13.86 0.37 13.17
CA PRO A 373 13.59 1.80 13.22
C PRO A 373 12.11 2.19 13.02
N ILE A 374 11.24 1.21 12.90
CA ILE A 374 9.82 1.49 12.71
C ILE A 374 9.01 1.06 13.93
N PRO A 375 8.40 2.02 14.64
CA PRO A 375 7.61 1.72 15.83
C PRO A 375 6.29 1.00 15.53
N LYS A 376 5.80 0.29 16.53
CA LYS A 376 4.53 -0.43 16.42
C LYS A 376 3.41 0.58 16.15
N VAL A 377 2.35 0.11 15.50
CA VAL A 377 1.18 0.92 15.22
C VAL A 377 0.04 0.22 15.94
N PRO A 378 -0.47 0.83 17.03
CA PRO A 378 -1.55 0.23 17.77
C PRO A 378 -2.90 0.47 17.10
N ALA A 379 -3.95 -0.08 17.71
CA ALA A 379 -5.30 0.07 17.22
C ALA A 379 -6.17 0.32 18.45
N GLN A 380 -6.93 1.42 18.42
CA GLN A 380 -7.80 1.75 19.55
C GLN A 380 -9.25 1.39 19.20
N PHE A 381 -9.93 0.73 20.14
CA PHE A 381 -11.31 0.32 19.94
C PHE A 381 -12.18 0.90 21.07
N GLU A 382 -13.46 1.09 20.78
CA GLU A 382 -14.41 1.60 21.76
C GLU A 382 -15.76 0.90 21.58
N ALA A 383 -16.38 0.53 22.70
CA ALA A 383 -17.66 -0.13 22.68
C ALA A 383 -18.77 0.93 22.69
N MET A 384 -19.51 1.04 21.60
CA MET A 384 -20.58 2.02 21.49
C MET A 384 -21.93 1.38 21.79
N GLY A 385 -22.78 2.10 22.51
CA GLY A 385 -24.10 1.58 22.84
C GLY A 385 -25.16 2.15 21.92
N TRP A 386 -26.25 1.43 21.73
CA TRP A 386 -27.32 1.91 20.87
C TRP A 386 -28.71 1.52 21.36
N LEU A 387 -29.72 2.21 20.84
CA LEU A 387 -31.11 1.93 21.16
C LEU A 387 -31.79 1.62 19.83
N ASN A 388 -32.39 0.44 19.74
CA ASN A 388 -33.08 0.02 18.54
C ASN A 388 -33.82 1.20 17.88
N GLY A 389 -34.52 1.98 18.70
CA GLY A 389 -35.25 3.11 18.17
C GLY A 389 -36.74 2.85 18.10
N PRO A 390 -37.47 3.61 17.28
CA PRO A 390 -38.92 3.44 17.14
C PRO A 390 -39.34 2.11 16.46
N ASP A 391 -38.76 1.85 15.30
CA ASP A 391 -39.07 0.64 14.54
C ASP A 391 -38.22 -0.56 14.95
N GLY A 392 -37.82 -0.62 16.22
CA GLY A 392 -36.99 -1.73 16.65
C GLY A 392 -35.71 -1.61 15.84
N GLN A 393 -35.72 -2.20 14.66
CA GLN A 393 -34.58 -2.13 13.75
C GLN A 393 -33.21 -2.51 14.34
N PRO A 394 -33.16 -3.47 15.28
CA PRO A 394 -31.88 -3.85 15.88
C PRO A 394 -30.68 -3.77 14.91
N GLY A 395 -30.18 -2.55 14.72
CA GLY A 395 -29.05 -2.33 13.83
C GLY A 395 -29.38 -1.85 12.43
N THR A 396 -29.97 -0.65 12.32
CA THR A 396 -30.31 -0.09 11.00
C THR A 396 -30.03 1.42 10.97
N GLY A 397 -30.44 2.09 9.89
CA GLY A 397 -30.20 3.51 9.75
C GLY A 397 -31.26 4.40 10.39
N ASP A 398 -31.48 4.22 11.69
CA ASP A 398 -32.47 5.02 12.41
C ASP A 398 -32.23 4.85 13.92
N ASP A 399 -31.26 4.01 14.27
CA ASP A 399 -30.93 3.75 15.67
C ASP A 399 -30.49 5.03 16.40
N ILE A 400 -30.55 5.00 17.72
CA ILE A 400 -30.15 6.14 18.55
C ILE A 400 -28.84 5.82 19.27
N ALA A 401 -27.85 6.69 19.08
CA ALA A 401 -26.54 6.51 19.71
C ALA A 401 -26.56 6.83 21.21
N LEU A 402 -25.86 6.02 22.00
CA LEU A 402 -25.79 6.24 23.44
C LEU A 402 -24.36 6.63 23.87
N GLY A 403 -23.41 6.47 22.95
CA GLY A 403 -22.04 6.83 23.26
C GLY A 403 -21.21 5.63 23.67
N ALA A 404 -19.94 5.89 24.00
CA ALA A 404 -19.01 4.85 24.40
C ALA A 404 -19.27 4.37 25.84
N PHE A 405 -19.18 3.05 26.04
CA PHE A 405 -19.40 2.46 27.36
C PHE A 405 -18.14 1.73 27.83
N PRO A 406 -17.87 1.77 29.14
CA PRO A 406 -16.69 1.07 29.65
C PRO A 406 -16.92 -0.41 29.36
N ALA A 407 -15.86 -1.18 29.14
CA ALA A 407 -16.04 -2.59 28.85
C ALA A 407 -14.79 -3.43 29.07
N SER A 408 -14.99 -4.74 29.05
CA SER A 408 -13.89 -5.69 29.21
C SER A 408 -13.49 -6.07 27.78
N TRP A 409 -12.19 -6.05 27.50
CA TRP A 409 -11.73 -6.37 26.16
C TRP A 409 -10.89 -7.65 26.09
N ALA A 410 -11.04 -8.37 24.98
CA ALA A 410 -10.31 -9.59 24.75
C ALA A 410 -10.10 -9.81 23.25
N THR A 411 -9.09 -10.60 22.91
CA THR A 411 -8.78 -10.91 21.52
C THR A 411 -8.84 -12.44 21.36
N ASP A 412 -9.09 -12.88 20.13
CA ASP A 412 -9.15 -14.30 19.84
C ASP A 412 -8.99 -14.48 18.33
N ASN A 413 -8.70 -15.71 17.91
CA ASN A 413 -8.52 -15.99 16.49
C ASN A 413 -9.81 -15.74 15.72
N PHE A 414 -9.67 -15.17 14.52
CA PHE A 414 -10.84 -14.87 13.70
C PHE A 414 -11.54 -16.12 13.19
N ASP A 415 -10.77 -17.14 12.82
CA ASP A 415 -11.32 -18.39 12.32
C ASP A 415 -10.43 -19.59 12.67
N GLU A 416 -10.85 -20.78 12.25
CA GLU A 416 -10.12 -22.01 12.52
C GLU A 416 -8.65 -21.95 12.06
N GLU A 417 -8.44 -21.40 10.86
CA GLU A 417 -7.11 -21.27 10.30
C GLU A 417 -6.20 -20.46 11.23
N ALA A 418 -6.70 -19.31 11.66
CA ALA A 418 -5.94 -18.46 12.56
C ALA A 418 -5.65 -19.19 13.87
N GLU A 419 -6.62 -19.98 14.34
CA GLU A 419 -6.47 -20.72 15.58
C GLU A 419 -5.36 -21.78 15.45
N LYS A 420 -5.31 -22.44 14.29
CA LYS A 420 -4.29 -23.46 14.05
C LYS A 420 -2.91 -22.79 14.16
N MET A 421 -2.80 -21.59 13.59
CA MET A 421 -1.56 -20.82 13.61
C MET A 421 -1.32 -20.19 14.97
N GLN A 422 -2.35 -20.18 15.81
CA GLN A 422 -2.25 -19.58 17.14
C GLN A 422 -1.96 -18.07 17.03
N ASP A 423 -2.62 -17.41 16.09
CA ASP A 423 -2.42 -15.97 15.90
C ASP A 423 -2.64 -15.18 17.19
N ALA A 424 -3.75 -15.43 17.88
CA ALA A 424 -4.08 -14.73 19.11
C ALA A 424 -2.96 -14.82 20.16
N LYS A 425 -2.18 -15.88 20.09
CA LYS A 425 -1.08 -16.08 21.03
C LYS A 425 0.15 -15.22 20.74
N TYR A 426 0.44 -14.99 19.45
CA TYR A 426 1.62 -14.21 19.08
C TYR A 426 1.38 -12.81 18.52
N ALA A 427 0.14 -12.51 18.12
CA ALA A 427 -0.18 -11.22 17.51
C ALA A 427 -0.29 -9.97 18.41
N GLY A 428 -0.29 -10.16 19.73
CA GLY A 428 -0.38 -9.00 20.61
C GLY A 428 -1.51 -9.12 21.60
N SER A 429 -1.80 -8.02 22.30
CA SER A 429 -2.86 -8.04 23.30
C SER A 429 -3.59 -6.69 23.41
N ILE A 430 -4.80 -6.73 23.94
CA ILE A 430 -5.62 -5.54 24.11
C ILE A 430 -5.84 -5.30 25.62
N ASP A 431 -5.75 -4.04 26.04
CA ASP A 431 -5.93 -3.73 27.46
C ASP A 431 -7.39 -3.39 27.80
N ASP A 432 -7.61 -3.00 29.05
CA ASP A 432 -8.93 -2.67 29.56
C ASP A 432 -9.54 -1.38 28.97
N THR A 433 -8.73 -0.60 28.25
CA THR A 433 -9.22 0.63 27.66
C THR A 433 -9.58 0.41 26.18
N GLY A 434 -9.40 -0.82 25.71
CA GLY A 434 -9.70 -1.13 24.32
C GLY A 434 -8.52 -0.86 23.39
N LEU A 435 -7.34 -0.63 23.98
CA LEU A 435 -6.16 -0.35 23.18
C LEU A 435 -5.37 -1.64 22.87
N PHE A 436 -5.25 -1.95 21.59
CA PHE A 436 -4.54 -3.14 21.16
C PHE A 436 -3.08 -2.82 20.80
N THR A 437 -2.15 -3.51 21.44
CA THR A 437 -0.73 -3.32 21.18
C THR A 437 -0.19 -4.54 20.41
N PRO A 438 0.30 -4.32 19.19
CA PRO A 438 0.83 -5.42 18.40
C PRO A 438 2.14 -5.98 18.96
N ALA A 439 2.60 -7.09 18.37
CA ALA A 439 3.82 -7.74 18.81
C ALA A 439 5.08 -7.20 18.09
N GLU A 440 6.23 -7.76 18.46
CA GLU A 440 7.51 -7.34 17.89
C GLU A 440 7.60 -7.70 16.39
N ALA A 441 8.31 -6.86 15.64
CA ALA A 441 8.48 -7.08 14.21
C ALA A 441 9.57 -8.12 13.93
N GLY A 442 9.72 -8.48 12.65
CA GLY A 442 10.74 -9.44 12.27
C GLY A 442 10.28 -10.88 12.26
N PRO A 443 11.04 -11.77 11.61
CA PRO A 443 10.67 -13.18 11.57
C PRO A 443 10.70 -13.76 12.98
N ASN A 444 9.72 -14.60 13.31
CA ASN A 444 9.70 -15.21 14.63
C ASN A 444 10.03 -16.71 14.45
N PRO A 445 11.22 -17.13 14.90
CA PRO A 445 11.63 -18.52 14.77
C PRO A 445 10.70 -19.54 15.46
N GLU A 446 9.88 -19.06 16.39
CA GLU A 446 8.95 -19.92 17.11
C GLU A 446 7.72 -20.32 16.29
N ARG A 447 7.44 -19.56 15.23
CA ARG A 447 6.27 -19.86 14.40
C ARG A 447 6.66 -20.62 13.13
N PRO A 448 5.70 -21.34 12.53
CA PRO A 448 5.99 -22.08 11.32
C PRO A 448 6.49 -21.14 10.21
N MET A 449 7.48 -21.61 9.44
CA MET A 449 8.07 -20.83 8.37
C MET A 449 8.76 -19.58 8.97
N GLN A 450 8.90 -19.59 10.30
CA GLN A 450 9.51 -18.47 11.03
C GLN A 450 8.76 -17.18 10.67
N THR A 451 7.46 -17.30 10.43
CA THR A 451 6.67 -16.15 10.05
C THR A 451 6.56 -15.08 11.15
N ASN A 452 6.16 -13.88 10.74
CA ASN A 452 6.03 -12.75 11.64
C ASN A 452 4.90 -12.92 12.64
N ASN A 453 4.89 -12.04 13.63
CA ASN A 453 3.85 -12.06 14.65
C ASN A 453 2.57 -11.38 14.14
N ALA A 454 2.22 -11.70 12.89
CA ALA A 454 1.01 -11.15 12.29
C ALA A 454 -0.13 -12.08 12.69
N GLY A 455 -1.36 -11.63 12.50
CA GLY A 455 -2.48 -12.45 12.86
C GLY A 455 -3.83 -11.96 12.40
N ASN A 456 -4.72 -12.92 12.16
CA ASN A 456 -6.08 -12.65 11.73
C ASN A 456 -6.87 -12.75 13.03
N LEU A 457 -7.16 -11.61 13.64
CA LEU A 457 -7.84 -11.60 14.93
C LEU A 457 -9.27 -11.07 14.98
N LYS A 458 -9.89 -11.31 16.12
CA LYS A 458 -11.24 -10.87 16.40
C LYS A 458 -11.15 -10.14 17.76
N VAL A 459 -11.76 -8.97 17.85
CA VAL A 459 -11.76 -8.18 19.08
C VAL A 459 -13.17 -8.30 19.66
N ILE A 460 -13.24 -8.70 20.93
CA ILE A 460 -14.52 -8.87 21.60
C ILE A 460 -14.66 -7.91 22.79
N ALA A 461 -15.74 -7.15 22.82
CA ALA A 461 -16.00 -6.22 23.90
C ALA A 461 -17.31 -6.61 24.61
N THR A 462 -17.32 -6.46 25.92
CA THR A 462 -18.51 -6.79 26.72
C THR A 462 -18.80 -5.65 27.71
N VAL A 463 -20.00 -5.08 27.63
CA VAL A 463 -20.36 -3.99 28.55
C VAL A 463 -21.19 -4.46 29.76
N ASP A 464 -21.88 -3.53 30.44
CA ASP A 464 -22.61 -3.86 31.66
C ASP A 464 -24.14 -4.14 31.76
N ALA A 465 -24.61 -3.89 32.98
CA ALA A 465 -25.97 -4.05 33.51
C ALA A 465 -27.24 -4.33 32.69
N GLU A 466 -28.30 -4.65 33.45
CA GLU A 466 -29.65 -4.96 32.99
C GLU A 466 -29.78 -5.92 31.79
N GLY A 467 -30.30 -7.11 32.08
CA GLY A 467 -30.46 -8.13 31.06
C GLY A 467 -29.09 -8.63 30.66
N GLU A 468 -28.12 -7.72 30.79
CA GLU A 468 -26.70 -7.93 30.48
C GLU A 468 -26.31 -8.88 29.33
N PRO A 469 -26.91 -8.68 28.14
CA PRO A 469 -26.59 -9.49 26.98
C PRO A 469 -25.94 -8.55 25.95
N LEU A 470 -24.85 -7.91 26.36
CA LEU A 470 -24.16 -6.95 25.49
C LEU A 470 -22.72 -7.33 25.13
N SER A 471 -22.54 -7.79 23.90
CA SER A 471 -21.23 -8.19 23.39
C SER A 471 -21.17 -7.85 21.89
N ALA A 472 -20.01 -7.40 21.44
CA ALA A 472 -19.81 -7.05 20.04
C ALA A 472 -18.42 -7.50 19.59
N GLU A 473 -18.24 -7.73 18.29
CA GLU A 473 -16.95 -8.15 17.78
C GLU A 473 -16.42 -7.19 16.71
N ALA A 474 -15.11 -7.19 16.54
CA ALA A 474 -14.46 -6.35 15.53
C ALA A 474 -13.44 -7.26 14.84
N HIS A 475 -13.16 -6.98 13.57
CA HIS A 475 -12.20 -7.77 12.81
C HIS A 475 -10.87 -6.99 12.82
N LEU A 476 -9.83 -7.59 13.39
CA LEU A 476 -8.52 -6.94 13.46
C LEU A 476 -7.40 -7.69 12.74
N TYR A 477 -6.72 -6.98 11.85
CA TYR A 477 -5.59 -7.55 11.12
C TYR A 477 -4.29 -7.06 11.75
N ALA A 478 -3.63 -7.90 12.53
CA ALA A 478 -2.34 -7.53 13.11
C ALA A 478 -1.41 -7.85 11.94
N THR A 479 -1.03 -6.82 11.20
CA THR A 479 -0.19 -7.04 10.03
C THR A 479 1.25 -6.50 10.09
N VAL A 480 1.88 -6.42 8.92
CA VAL A 480 3.27 -5.99 8.81
C VAL A 480 3.52 -4.48 8.70
N GLN A 481 4.79 -4.11 8.82
CA GLN A 481 5.16 -2.70 8.74
C GLN A 481 4.96 -2.17 7.33
N ARG A 482 4.87 -0.85 7.23
CA ARG A 482 4.80 -0.19 5.94
C ARG A 482 6.10 0.63 5.96
N PHE A 483 6.86 0.58 4.86
CA PHE A 483 8.12 1.30 4.79
C PHE A 483 7.96 2.63 4.06
N VAL A 484 6.84 2.80 3.36
CA VAL A 484 6.55 4.06 2.69
C VAL A 484 5.30 4.60 3.40
N ASP A 485 5.31 5.88 3.69
CA ASP A 485 4.18 6.55 4.33
C ASP A 485 4.29 8.00 3.83
N ALA A 486 3.24 8.79 4.01
CA ALA A 486 3.28 10.17 3.53
C ALA A 486 2.24 11.04 4.24
N PRO A 487 2.36 12.37 4.10
CA PRO A 487 1.44 13.32 4.72
C PRO A 487 -0.02 12.96 4.41
N ILE A 488 -0.25 12.44 3.20
CA ILE A 488 -1.57 12.01 2.77
C ILE A 488 -1.39 10.56 2.31
N ARG A 489 -2.06 9.63 2.96
CA ARG A 489 -1.93 8.23 2.58
C ARG A 489 -2.78 7.86 1.35
N ARG B 1 26.34 -31.77 -17.91
CA ARG B 1 26.60 -31.37 -16.50
C ARG B 1 25.76 -30.11 -16.20
N ASP B 2 24.88 -30.21 -15.20
CA ASP B 2 23.99 -29.10 -14.82
C ASP B 2 24.56 -28.05 -13.88
N TYR B 3 24.25 -26.79 -14.19
CA TYR B 3 24.67 -25.66 -13.37
C TYR B 3 23.49 -24.69 -13.26
N ILE B 4 23.48 -23.90 -12.21
CA ILE B 4 22.42 -22.91 -12.04
C ILE B 4 23.08 -21.53 -12.03
N LEU B 5 22.44 -20.57 -12.67
CA LEU B 5 22.95 -19.20 -12.68
C LEU B 5 21.91 -18.41 -11.89
N ALA B 6 22.25 -18.01 -10.68
CA ALA B 6 21.32 -17.27 -9.86
C ALA B 6 21.79 -15.88 -9.46
N PRO B 7 20.93 -14.87 -9.65
CA PRO B 7 21.28 -13.50 -9.30
C PRO B 7 21.26 -13.35 -7.77
N ALA B 8 22.16 -12.54 -7.25
CA ALA B 8 22.24 -12.29 -5.82
C ALA B 8 22.53 -10.79 -5.64
N ARG B 9 21.66 -10.09 -4.93
CA ARG B 9 21.82 -8.67 -4.75
C ARG B 9 23.10 -8.31 -3.97
N PRO B 10 23.64 -7.11 -4.23
CA PRO B 10 23.08 -6.16 -5.16
C PRO B 10 23.70 -6.21 -6.57
N ASP B 11 24.81 -6.91 -6.72
CA ASP B 11 25.52 -6.90 -7.99
C ASP B 11 26.17 -8.22 -8.40
N LYS B 12 25.58 -9.34 -8.03
CA LYS B 12 26.21 -10.61 -8.36
C LYS B 12 25.38 -11.64 -9.13
N LEU B 13 26.10 -12.54 -9.79
CA LEU B 13 25.51 -13.65 -10.52
C LEU B 13 26.29 -14.84 -9.93
N VAL B 14 25.59 -15.80 -9.38
CA VAL B 14 26.24 -16.95 -8.78
C VAL B 14 26.03 -18.21 -9.61
N VAL B 15 27.13 -18.89 -9.92
CA VAL B 15 27.05 -20.13 -10.67
C VAL B 15 27.11 -21.26 -9.63
N ILE B 16 26.09 -22.11 -9.63
CA ILE B 16 26.02 -23.21 -8.70
C ILE B 16 26.22 -24.55 -9.41
N ASP B 17 27.09 -25.38 -8.85
CA ASP B 17 27.35 -26.71 -9.39
C ASP B 17 26.31 -27.60 -8.71
N THR B 18 25.28 -28.00 -9.46
CA THR B 18 24.21 -28.82 -8.88
C THR B 18 24.67 -30.18 -8.36
N GLU B 19 25.69 -30.76 -8.98
CA GLU B 19 26.19 -32.06 -8.57
C GLU B 19 26.94 -31.94 -7.23
N LYS B 20 27.82 -30.95 -7.12
CA LYS B 20 28.57 -30.72 -5.89
C LYS B 20 27.68 -30.05 -4.84
N MET B 21 26.54 -29.53 -5.28
CA MET B 21 25.61 -28.83 -4.40
C MET B 21 26.39 -27.70 -3.70
N ALA B 22 27.18 -26.97 -4.47
CA ALA B 22 27.99 -25.88 -3.95
C ALA B 22 28.18 -24.77 -4.99
N VAL B 23 28.65 -23.61 -4.53
CA VAL B 23 28.89 -22.47 -5.41
C VAL B 23 30.14 -22.74 -6.26
N ASP B 24 30.03 -22.50 -7.56
CA ASP B 24 31.14 -22.71 -8.49
C ASP B 24 31.93 -21.42 -8.72
N LYS B 25 31.23 -20.31 -8.88
CA LYS B 25 31.89 -19.03 -9.13
C LYS B 25 30.94 -17.87 -8.81
N VAL B 26 31.49 -16.76 -8.34
CA VAL B 26 30.70 -15.58 -8.04
C VAL B 26 31.17 -14.44 -8.94
N ILE B 27 30.28 -13.96 -9.80
CA ILE B 27 30.60 -12.87 -10.71
C ILE B 27 30.03 -11.56 -10.16
N THR B 28 30.89 -10.55 -10.01
CA THR B 28 30.47 -9.25 -9.52
C THR B 28 30.37 -8.28 -10.71
N ILE B 29 29.24 -7.58 -10.80
CA ILE B 29 29.01 -6.65 -11.89
C ILE B 29 29.00 -5.20 -11.39
N ALA B 30 29.66 -4.31 -12.14
CA ALA B 30 29.74 -2.90 -11.77
C ALA B 30 28.44 -2.17 -12.14
N ASP B 31 28.06 -1.18 -11.32
CA ASP B 31 26.84 -0.40 -11.56
C ASP B 31 25.68 -1.33 -11.91
N ALA B 32 25.43 -2.29 -11.03
CA ALA B 32 24.38 -3.27 -11.26
C ALA B 32 23.20 -3.21 -10.28
N GLY B 33 23.39 -2.56 -9.14
CA GLY B 33 22.34 -2.46 -8.13
C GLY B 33 21.01 -1.93 -8.63
N PRO B 34 19.91 -2.20 -7.88
CA PRO B 34 19.87 -2.96 -6.63
C PRO B 34 19.96 -4.49 -6.78
N THR B 35 19.84 -4.99 -8.00
CA THR B 35 19.93 -6.42 -8.25
C THR B 35 19.81 -6.81 -9.73
N PRO B 36 20.56 -7.83 -10.16
CA PRO B 36 20.44 -8.24 -11.56
C PRO B 36 19.00 -8.77 -11.66
N MET B 37 18.39 -8.70 -12.84
CA MET B 37 17.01 -9.15 -12.99
C MET B 37 16.85 -10.41 -13.84
N VAL B 38 17.22 -10.32 -15.11
CA VAL B 38 17.08 -11.45 -16.00
C VAL B 38 18.40 -11.94 -16.61
N PRO B 39 18.92 -13.06 -16.11
CA PRO B 39 20.15 -13.60 -16.63
C PRO B 39 19.80 -14.59 -17.77
N MET B 40 20.74 -14.79 -18.68
CA MET B 40 20.57 -15.71 -19.81
C MET B 40 21.93 -16.36 -20.05
N VAL B 41 21.92 -17.63 -20.46
CA VAL B 41 23.17 -18.33 -20.72
C VAL B 41 23.27 -18.74 -22.18
N ALA B 42 24.37 -18.37 -22.82
CA ALA B 42 24.58 -18.72 -24.23
C ALA B 42 24.89 -20.22 -24.34
N PRO B 43 24.62 -20.81 -25.51
CA PRO B 43 24.90 -22.23 -25.67
C PRO B 43 26.38 -22.48 -25.36
N GLY B 44 26.66 -23.55 -24.61
CA GLY B 44 28.05 -23.83 -24.26
C GLY B 44 28.30 -23.60 -22.78
N GLY B 45 27.47 -22.74 -22.17
CA GLY B 45 27.61 -22.46 -20.75
C GLY B 45 28.83 -21.67 -20.32
N ARG B 46 29.41 -20.93 -21.25
CA ARG B 46 30.61 -20.13 -20.96
C ARG B 46 30.28 -18.64 -20.86
N ILE B 47 29.45 -18.16 -21.78
CA ILE B 47 29.07 -16.75 -21.78
C ILE B 47 27.63 -16.59 -21.31
N ALA B 48 27.35 -15.49 -20.61
CA ALA B 48 26.01 -15.22 -20.12
C ALA B 48 25.73 -13.73 -20.26
N TYR B 49 24.46 -13.37 -20.17
CA TYR B 49 24.02 -11.99 -20.27
C TYR B 49 23.04 -11.76 -19.11
N ALA B 50 22.91 -10.53 -18.65
CA ALA B 50 21.98 -10.28 -17.56
C ALA B 50 21.60 -8.81 -17.50
N THR B 51 20.32 -8.55 -17.34
CA THR B 51 19.85 -7.18 -17.23
C THR B 51 20.18 -6.78 -15.78
N VAL B 52 20.57 -5.52 -15.61
N VAL B 52 20.53 -5.51 -15.61
CA VAL B 52 20.95 -5.00 -14.30
CA VAL B 52 20.87 -5.02 -14.28
C VAL B 52 20.62 -3.50 -14.23
C VAL B 52 20.59 -3.50 -14.22
N ASN B 53 21.04 -2.86 -13.15
CA ASN B 53 20.83 -1.43 -12.98
C ASN B 53 19.34 -1.02 -13.13
N LYS B 54 18.50 -1.53 -12.25
CA LYS B 54 17.07 -1.21 -12.28
C LYS B 54 16.44 -1.61 -13.63
N SER B 55 17.02 -2.63 -14.24
CA SER B 55 16.59 -3.19 -15.53
C SER B 55 16.87 -2.25 -16.71
N GLU B 56 17.63 -1.19 -16.48
CA GLU B 56 17.95 -0.22 -17.52
C GLU B 56 19.21 -0.56 -18.33
N SER B 57 19.94 -1.58 -17.91
CA SER B 57 21.15 -1.98 -18.61
C SER B 57 21.27 -3.51 -18.70
N LEU B 58 22.21 -3.97 -19.52
CA LEU B 58 22.46 -5.38 -19.70
C LEU B 58 23.96 -5.59 -19.91
N VAL B 59 24.53 -6.57 -19.23
CA VAL B 59 25.94 -6.85 -19.37
C VAL B 59 26.19 -8.26 -19.92
N LYS B 60 27.33 -8.40 -20.58
CA LYS B 60 27.76 -9.67 -21.14
C LYS B 60 28.91 -10.07 -20.22
N ILE B 61 28.88 -11.27 -19.68
CA ILE B 61 29.94 -11.69 -18.78
C ILE B 61 30.50 -13.07 -19.11
N ASP B 62 31.74 -13.29 -18.71
CA ASP B 62 32.39 -14.58 -18.90
C ASP B 62 32.16 -15.34 -17.59
N LEU B 63 31.35 -16.39 -17.66
CA LEU B 63 31.00 -17.19 -16.49
C LEU B 63 32.17 -17.90 -15.78
N VAL B 64 33.27 -18.11 -16.49
CA VAL B 64 34.43 -18.78 -15.91
C VAL B 64 35.44 -17.81 -15.31
N THR B 65 35.72 -16.72 -16.03
CA THR B 65 36.67 -15.72 -15.56
C THR B 65 35.99 -14.69 -14.64
N GLY B 66 34.69 -14.46 -14.87
CA GLY B 66 33.96 -13.51 -14.07
C GLY B 66 34.11 -12.07 -14.53
N GLU B 67 34.76 -11.86 -15.66
CA GLU B 67 34.96 -10.52 -16.18
C GLU B 67 33.76 -10.05 -17.02
N THR B 68 33.47 -8.75 -16.97
CA THR B 68 32.38 -8.19 -17.76
C THR B 68 32.97 -7.93 -19.14
N LEU B 69 32.40 -8.55 -20.16
CA LEU B 69 32.89 -8.42 -21.52
C LEU B 69 32.31 -7.22 -22.30
N GLY B 70 31.13 -6.78 -21.91
CA GLY B 70 30.51 -5.65 -22.58
C GLY B 70 29.26 -5.20 -21.86
N ARG B 71 28.74 -4.04 -22.21
CA ARG B 71 27.55 -3.51 -21.57
C ARG B 71 26.65 -2.73 -22.51
N ILE B 72 25.36 -2.77 -22.23
CA ILE B 72 24.36 -2.07 -23.00
C ILE B 72 23.56 -1.19 -22.02
N ASP B 73 23.50 0.10 -22.29
CA ASP B 73 22.71 1.00 -21.44
C ASP B 73 21.54 1.44 -22.32
N LEU B 74 20.32 1.05 -21.92
CA LEU B 74 19.12 1.37 -22.67
C LEU B 74 18.63 2.82 -22.50
N SER B 75 18.96 3.43 -21.36
CA SER B 75 18.51 4.80 -21.10
C SER B 75 19.45 5.87 -21.66
N THR B 76 18.87 7.04 -21.89
CA THR B 76 19.59 8.21 -22.39
C THR B 76 19.08 9.37 -21.52
N PRO B 77 19.74 10.54 -21.60
CA PRO B 77 19.34 11.69 -20.80
C PRO B 77 17.86 12.08 -20.91
N GLU B 78 17.31 11.98 -22.11
CA GLU B 78 15.92 12.37 -22.33
C GLU B 78 14.92 11.21 -22.31
N GLU B 79 15.42 9.99 -22.21
CA GLU B 79 14.50 8.85 -22.19
C GLU B 79 14.96 7.71 -21.28
N ARG B 80 14.17 7.44 -20.25
CA ARG B 80 14.48 6.35 -19.33
C ARG B 80 13.80 5.10 -19.91
N VAL B 81 14.56 4.01 -19.98
CA VAL B 81 14.05 2.77 -20.54
C VAL B 81 14.19 1.60 -19.56
N LYS B 82 13.10 0.89 -19.34
CA LYS B 82 13.10 -0.27 -18.44
C LYS B 82 12.85 -1.53 -19.26
N SER B 83 13.69 -2.55 -19.07
CA SER B 83 13.48 -3.80 -19.78
C SER B 83 12.55 -4.68 -18.91
N LEU B 84 12.40 -4.27 -17.65
CA LEU B 84 11.54 -4.96 -16.69
C LEU B 84 11.89 -6.46 -16.59
N PHE B 85 11.05 -7.33 -17.18
CA PHE B 85 11.31 -8.77 -17.11
C PHE B 85 11.51 -9.39 -18.51
N GLY B 86 11.69 -8.54 -19.52
CA GLY B 86 11.84 -9.02 -20.88
C GLY B 86 13.21 -8.92 -21.52
N ALA B 87 13.89 -10.06 -21.63
CA ALA B 87 15.22 -10.12 -22.22
C ALA B 87 15.47 -11.60 -22.55
N ALA B 88 15.73 -11.88 -23.82
CA ALA B 88 15.94 -13.26 -24.24
C ALA B 88 17.01 -13.36 -25.33
N LEU B 89 17.86 -14.38 -25.22
CA LEU B 89 18.92 -14.63 -26.18
C LEU B 89 18.42 -15.69 -27.17
N SER B 90 18.65 -15.46 -28.46
CA SER B 90 18.21 -16.38 -29.50
C SER B 90 18.88 -17.76 -29.34
N PRO B 91 18.22 -18.83 -29.80
CA PRO B 91 18.82 -20.14 -29.66
C PRO B 91 20.22 -20.29 -30.30
N ASP B 92 20.49 -19.54 -31.37
CA ASP B 92 21.81 -19.63 -32.00
C ASP B 92 22.82 -18.71 -31.31
N GLY B 93 22.36 -18.05 -30.25
CA GLY B 93 23.21 -17.16 -29.47
C GLY B 93 23.71 -15.90 -30.15
N LYS B 94 23.14 -15.55 -31.31
CA LYS B 94 23.58 -14.36 -32.04
C LYS B 94 22.77 -13.09 -31.78
N THR B 95 21.55 -13.23 -31.28
CA THR B 95 20.70 -12.07 -31.09
C THR B 95 19.99 -11.96 -29.74
N LEU B 96 20.04 -10.77 -29.17
CA LEU B 96 19.38 -10.49 -27.89
C LEU B 96 18.10 -9.70 -28.20
N ALA B 97 16.99 -10.13 -27.62
CA ALA B 97 15.73 -9.41 -27.78
C ALA B 97 15.49 -8.78 -26.41
N ILE B 98 15.38 -7.45 -26.38
CA ILE B 98 15.19 -6.75 -25.10
C ILE B 98 13.92 -5.89 -25.14
N TYR B 99 13.06 -6.09 -24.15
CA TYR B 99 11.82 -5.32 -24.07
C TYR B 99 12.19 -3.92 -23.60
N GLU B 100 11.43 -2.92 -24.06
CA GLU B 100 11.72 -1.55 -23.66
C GLU B 100 10.44 -0.79 -23.32
N SER B 101 10.32 -0.40 -22.05
CA SER B 101 9.18 0.39 -21.60
C SER B 101 9.84 1.76 -21.37
N PRO B 102 9.62 2.71 -22.27
CA PRO B 102 10.23 4.00 -22.12
C PRO B 102 9.34 5.17 -21.72
N VAL B 103 9.97 6.17 -21.12
CA VAL B 103 9.29 7.39 -20.73
C VAL B 103 10.26 8.55 -21.08
N ARG B 104 9.75 9.53 -21.82
CA ARG B 104 10.55 10.68 -22.22
C ARG B 104 10.55 11.65 -21.04
N LEU B 105 11.75 12.10 -20.68
CA LEU B 105 11.91 13.00 -19.55
C LEU B 105 12.06 14.46 -19.99
N GLU B 106 10.95 15.18 -20.02
CA GLU B 106 10.94 16.59 -20.40
C GLU B 106 11.34 17.43 -19.18
N LEU B 107 11.53 18.73 -19.39
CA LEU B 107 11.94 19.61 -18.29
C LEU B 107 11.12 19.45 -17.02
N THR B 108 9.80 19.57 -17.12
CA THR B 108 8.95 19.44 -15.93
C THR B 108 7.72 18.53 -16.08
N HIS B 109 7.85 17.49 -16.90
CA HIS B 109 6.76 16.53 -17.04
C HIS B 109 7.29 15.29 -17.78
N PHE B 110 6.57 14.18 -17.64
CA PHE B 110 6.96 12.94 -18.28
C PHE B 110 6.03 12.65 -19.45
N GLU B 111 6.56 11.94 -20.45
CA GLU B 111 5.76 11.56 -21.61
C GLU B 111 5.99 10.06 -21.84
N VAL B 112 5.01 9.24 -21.46
CA VAL B 112 5.10 7.81 -21.66
C VAL B 112 5.21 7.53 -23.16
N GLN B 113 6.14 6.67 -23.53
CA GLN B 113 6.37 6.30 -24.94
C GLN B 113 5.84 4.89 -25.21
N PRO B 114 5.59 4.56 -26.48
CA PRO B 114 5.11 3.22 -26.80
C PRO B 114 6.18 2.18 -26.45
N THR B 115 5.75 1.02 -25.99
CA THR B 115 6.68 -0.04 -25.65
C THR B 115 7.30 -0.60 -26.93
N ARG B 116 8.53 -1.09 -26.82
CA ARG B 116 9.26 -1.61 -27.97
C ARG B 116 10.02 -2.90 -27.66
N VAL B 117 10.49 -3.54 -28.71
CA VAL B 117 11.35 -4.70 -28.58
C VAL B 117 12.58 -4.24 -29.37
N ALA B 118 13.75 -4.30 -28.75
CA ALA B 118 14.97 -3.90 -29.41
C ALA B 118 15.81 -5.16 -29.64
N LEU B 119 16.43 -5.25 -30.80
CA LEU B 119 17.27 -6.40 -31.09
C LEU B 119 18.71 -5.93 -31.10
N TYR B 120 19.57 -6.65 -30.38
CA TYR B 120 20.98 -6.34 -30.32
C TYR B 120 21.78 -7.54 -30.82
N ASP B 121 22.85 -7.27 -31.55
CA ASP B 121 23.72 -8.37 -32.01
C ASP B 121 24.46 -8.74 -30.72
N ALA B 122 24.43 -10.03 -30.35
CA ALA B 122 25.07 -10.49 -29.13
C ALA B 122 26.61 -10.33 -29.08
N GLU B 123 27.28 -10.72 -30.16
CA GLU B 123 28.73 -10.61 -30.21
C GLU B 123 29.26 -9.17 -30.07
N THR B 124 28.65 -8.23 -30.77
CA THR B 124 29.09 -6.84 -30.73
C THR B 124 28.29 -5.94 -29.78
N LEU B 125 27.18 -6.47 -29.27
CA LEU B 125 26.30 -5.71 -28.38
C LEU B 125 25.88 -4.38 -29.03
N SER B 126 25.60 -4.43 -30.32
CA SER B 126 25.18 -3.25 -31.05
C SER B 126 23.66 -3.28 -31.30
N ARG B 127 23.01 -2.14 -31.16
CA ARG B 127 21.57 -2.02 -31.38
C ARG B 127 21.34 -2.13 -32.89
N ARG B 128 20.59 -3.16 -33.30
CA ARG B 128 20.35 -3.39 -34.73
C ARG B 128 18.93 -3.11 -35.21
N LYS B 129 17.95 -3.25 -34.32
CA LYS B 129 16.58 -3.01 -34.71
C LYS B 129 15.73 -2.67 -33.49
N ALA B 130 14.67 -1.91 -33.73
CA ALA B 130 13.74 -1.53 -32.68
C ALA B 130 12.37 -1.37 -33.35
N PHE B 131 11.37 -2.04 -32.79
CA PHE B 131 10.02 -1.97 -33.34
C PHE B 131 9.00 -1.92 -32.21
N GLU B 132 7.86 -1.26 -32.45
CA GLU B 132 6.85 -1.16 -31.42
C GLU B 132 6.27 -2.54 -31.08
N ALA B 133 6.07 -2.77 -29.79
CA ALA B 133 5.53 -4.03 -29.32
C ALA B 133 4.34 -3.75 -28.38
N PRO B 134 3.48 -4.76 -28.15
CA PRO B 134 2.34 -4.56 -27.27
C PRO B 134 2.83 -4.20 -25.86
N ARG B 135 2.00 -3.49 -25.10
CA ARG B 135 2.36 -3.14 -23.74
C ARG B 135 2.02 -4.32 -22.83
N GLN B 136 2.46 -4.23 -21.58
CA GLN B 136 2.16 -5.26 -20.58
C GLN B 136 2.74 -6.65 -20.83
N ILE B 137 3.80 -6.72 -21.62
CA ILE B 137 4.47 -7.99 -21.89
C ILE B 137 5.51 -8.17 -20.77
N THR B 138 5.54 -9.35 -20.17
CA THR B 138 6.51 -9.62 -19.12
C THR B 138 7.71 -10.33 -19.77
N MET B 139 7.59 -11.64 -19.99
N MET B 139 7.58 -11.63 -20.00
CA MET B 139 8.69 -12.39 -20.59
CA MET B 139 8.68 -12.38 -20.60
C MET B 139 8.67 -12.42 -22.13
C MET B 139 8.67 -12.41 -22.13
N LEU B 140 9.87 -12.51 -22.68
CA LEU B 140 10.07 -12.60 -24.12
C LEU B 140 10.78 -13.96 -24.21
N ALA B 141 10.43 -14.76 -25.20
CA ALA B 141 11.06 -16.07 -25.37
C ALA B 141 11.11 -16.38 -26.86
N TRP B 142 12.23 -16.91 -27.32
CA TRP B 142 12.42 -17.25 -28.72
C TRP B 142 11.89 -18.65 -29.09
N ALA B 143 11.39 -18.78 -30.31
CA ALA B 143 10.93 -20.07 -30.80
C ALA B 143 12.27 -20.82 -30.94
N ARG B 144 12.24 -22.13 -30.77
CA ARG B 144 13.46 -22.92 -30.88
C ARG B 144 14.15 -22.79 -32.24
N ASP B 145 13.38 -22.54 -33.31
CA ASP B 145 14.00 -22.38 -34.62
C ASP B 145 14.44 -20.94 -34.88
N GLY B 146 14.19 -20.07 -33.89
CA GLY B 146 14.57 -18.67 -33.99
C GLY B 146 13.83 -17.81 -34.99
N SER B 147 12.71 -18.31 -35.50
CA SER B 147 11.93 -17.56 -36.49
C SER B 147 10.87 -16.63 -35.87
N LYS B 148 10.54 -16.86 -34.61
CA LYS B 148 9.54 -16.05 -33.94
C LYS B 148 9.98 -15.65 -32.54
N LEU B 149 9.45 -14.52 -32.06
CA LEU B 149 9.75 -14.04 -30.72
C LEU B 149 8.38 -13.93 -30.03
N TYR B 150 8.22 -14.62 -28.90
CA TYR B 150 6.96 -14.59 -28.19
C TYR B 150 7.02 -13.64 -26.99
N GLY B 151 5.91 -12.93 -26.77
CA GLY B 151 5.84 -12.01 -25.64
C GLY B 151 4.58 -12.31 -24.85
N LEU B 152 4.74 -12.62 -23.57
CA LEU B 152 3.59 -12.93 -22.72
C LEU B 152 2.93 -11.64 -22.18
N GLY B 153 1.83 -11.24 -22.79
CA GLY B 153 1.12 -10.05 -22.35
C GLY B 153 -0.34 -10.41 -22.08
N ARG B 154 -1.26 -9.50 -22.38
N ARG B 154 -1.26 -9.49 -22.38
CA ARG B 154 -2.67 -9.77 -22.15
CA ARG B 154 -2.68 -9.76 -22.16
C ARG B 154 -3.13 -10.93 -23.07
C ARG B 154 -3.08 -10.99 -23.01
N ASP B 155 -2.29 -11.25 -24.04
CA ASP B 155 -2.51 -12.39 -24.94
C ASP B 155 -1.08 -12.85 -25.23
N LEU B 156 -0.90 -14.05 -25.77
CA LEU B 156 0.44 -14.51 -26.09
C LEU B 156 0.74 -13.90 -27.46
N HIS B 157 1.59 -12.89 -27.48
CA HIS B 157 1.95 -12.18 -28.71
C HIS B 157 3.05 -12.86 -29.51
N VAL B 158 2.76 -13.17 -30.76
CA VAL B 158 3.75 -13.79 -31.64
C VAL B 158 4.30 -12.71 -32.59
N MET B 159 5.58 -12.38 -32.41
CA MET B 159 6.21 -11.36 -33.23
C MET B 159 7.24 -11.94 -34.20
N ASP B 160 7.38 -11.29 -35.35
CA ASP B 160 8.35 -11.68 -36.37
C ASP B 160 9.52 -10.70 -36.19
N PRO B 161 10.62 -11.16 -35.57
CA PRO B 161 11.81 -10.35 -35.32
C PRO B 161 12.48 -9.75 -36.57
N GLU B 162 12.36 -10.46 -37.69
CA GLU B 162 12.96 -10.01 -38.94
C GLU B 162 12.19 -8.83 -39.53
N ALA B 163 10.87 -8.93 -39.51
CA ALA B 163 10.00 -7.89 -40.03
C ALA B 163 9.67 -6.82 -38.97
N GLY B 164 9.84 -7.17 -37.70
CA GLY B 164 9.55 -6.24 -36.63
C GLY B 164 8.05 -5.99 -36.55
N THR B 165 7.27 -7.06 -36.58
CA THR B 165 5.81 -6.95 -36.54
C THR B 165 5.13 -8.00 -35.66
N LEU B 166 3.89 -7.71 -35.28
CA LEU B 166 3.07 -8.62 -34.49
C LEU B 166 2.27 -9.39 -35.55
N VAL B 167 2.54 -10.68 -35.70
CA VAL B 167 1.85 -11.46 -36.72
C VAL B 167 0.67 -12.31 -36.20
N GLU B 168 0.67 -12.61 -34.91
CA GLU B 168 -0.39 -13.43 -34.35
C GLU B 168 -0.52 -13.26 -32.84
N ASP B 169 -1.75 -13.39 -32.35
CA ASP B 169 -2.04 -13.32 -30.92
C ASP B 169 -2.75 -14.62 -30.53
N LYS B 170 -2.18 -15.34 -29.57
CA LYS B 170 -2.80 -16.56 -29.09
C LYS B 170 -3.62 -16.06 -27.88
N PRO B 171 -4.94 -16.28 -27.91
CA PRO B 171 -5.84 -15.86 -26.85
C PRO B 171 -5.54 -16.29 -25.41
N ILE B 172 -5.53 -15.31 -24.49
CA ILE B 172 -5.35 -15.59 -23.08
C ILE B 172 -6.53 -14.92 -22.36
N GLN B 173 -6.65 -13.62 -22.52
CA GLN B 173 -7.71 -12.85 -21.88
C GLN B 173 -9.13 -13.31 -22.28
N SER B 174 -9.26 -13.93 -23.45
CA SER B 174 -10.56 -14.38 -23.92
C SER B 174 -10.72 -15.91 -23.93
N TRP B 175 -9.72 -16.62 -23.41
CA TRP B 175 -9.74 -18.09 -23.36
C TRP B 175 -11.03 -18.68 -22.77
N GLU B 176 -11.71 -19.51 -23.57
CA GLU B 176 -12.95 -20.17 -23.13
C GLU B 176 -13.86 -19.23 -22.33
N ALA B 177 -14.05 -18.01 -22.84
CA ALA B 177 -14.87 -17.02 -22.16
C ALA B 177 -16.32 -17.44 -21.83
N GLU B 178 -16.85 -18.37 -22.61
N GLU B 178 -16.88 -18.35 -22.61
CA GLU B 178 -18.22 -18.86 -22.39
CA GLU B 178 -18.24 -18.82 -22.35
C GLU B 178 -18.29 -19.68 -21.10
C GLU B 178 -18.28 -19.65 -21.05
N THR B 179 -17.16 -20.26 -20.71
CA THR B 179 -17.08 -21.09 -19.51
C THR B 179 -16.30 -20.49 -18.32
N TYR B 180 -15.20 -19.83 -18.60
CA TYR B 180 -14.34 -19.28 -17.55
C TYR B 180 -14.21 -17.76 -17.49
N ALA B 181 -14.02 -17.26 -16.27
CA ALA B 181 -13.83 -15.84 -16.04
C ALA B 181 -12.44 -15.50 -16.62
N GLN B 182 -12.24 -14.24 -17.00
CA GLN B 182 -10.98 -13.79 -17.57
C GLN B 182 -9.78 -14.26 -16.73
N PRO B 183 -8.87 -15.03 -17.34
CA PRO B 183 -7.69 -15.54 -16.66
C PRO B 183 -6.81 -14.45 -16.01
N ASP B 184 -6.37 -14.72 -14.79
CA ASP B 184 -5.50 -13.82 -14.05
C ASP B 184 -4.10 -14.47 -14.15
N VAL B 185 -3.17 -13.78 -14.80
CA VAL B 185 -1.82 -14.31 -14.98
C VAL B 185 -0.72 -13.39 -14.44
N LEU B 186 0.05 -13.88 -13.46
CA LEU B 186 1.16 -13.11 -12.91
C LEU B 186 2.39 -13.99 -13.17
N ALA B 187 3.22 -13.57 -14.13
CA ALA B 187 4.41 -14.35 -14.49
C ALA B 187 5.56 -13.46 -14.95
N VAL B 188 6.66 -13.48 -14.21
CA VAL B 188 7.83 -12.69 -14.56
C VAL B 188 9.10 -13.56 -14.51
N TRP B 189 8.91 -14.86 -14.31
CA TRP B 189 10.03 -15.79 -14.20
C TRP B 189 10.42 -16.54 -15.49
N ASN B 190 11.65 -16.29 -15.94
CA ASN B 190 12.19 -16.92 -17.14
C ASN B 190 12.85 -18.23 -16.68
N GLN B 191 12.23 -19.35 -17.03
CA GLN B 191 12.73 -20.66 -16.60
C GLN B 191 12.21 -21.80 -17.50
N HIS B 192 12.15 -21.54 -18.79
CA HIS B 192 11.66 -22.52 -19.76
C HIS B 192 12.78 -23.33 -20.46
N GLU B 193 14.02 -22.93 -20.26
CA GLU B 193 15.16 -23.56 -20.91
C GLU B 193 15.27 -25.10 -20.89
N SER B 194 14.99 -25.73 -19.75
CA SER B 194 15.11 -27.18 -19.65
C SER B 194 14.07 -27.99 -20.44
N SER B 195 12.93 -27.38 -20.74
CA SER B 195 11.86 -28.07 -21.44
C SER B 195 11.46 -27.44 -22.78
N GLY B 196 11.83 -26.18 -22.98
CA GLY B 196 11.44 -25.50 -24.20
C GLY B 196 9.98 -25.10 -24.08
N VAL B 197 9.48 -25.14 -22.85
CA VAL B 197 8.09 -24.77 -22.59
C VAL B 197 7.98 -23.64 -21.57
N MET B 198 7.44 -22.50 -21.99
CA MET B 198 7.25 -21.37 -21.09
C MET B 198 5.88 -21.63 -20.46
N ALA B 199 5.85 -21.84 -19.15
CA ALA B 199 4.60 -22.15 -18.46
C ALA B 199 4.34 -21.25 -17.25
N THR B 200 3.07 -21.04 -16.97
CA THR B 200 2.67 -20.24 -15.82
C THR B 200 1.27 -20.64 -15.33
N PRO B 201 1.07 -20.62 -14.02
CA PRO B 201 -0.25 -20.98 -13.59
C PRO B 201 -1.11 -19.74 -13.86
N PHE B 202 -2.42 -19.91 -13.90
CA PHE B 202 -3.31 -18.78 -14.08
C PHE B 202 -4.53 -19.10 -13.23
N TYR B 203 -5.28 -18.08 -12.85
CA TYR B 203 -6.43 -18.30 -12.01
C TYR B 203 -7.71 -17.82 -12.67
N THR B 204 -8.77 -18.61 -12.48
CA THR B 204 -10.03 -18.28 -13.11
C THR B 204 -11.19 -18.83 -12.27
N ALA B 205 -12.38 -18.85 -12.83
CA ALA B 205 -13.55 -19.35 -12.13
C ALA B 205 -14.61 -19.82 -13.11
N ARG B 206 -15.42 -20.79 -12.70
CA ARG B 206 -16.48 -21.29 -13.55
C ARG B 206 -17.58 -20.22 -13.50
N LYS B 207 -17.97 -19.70 -14.66
CA LYS B 207 -18.99 -18.65 -14.69
C LYS B 207 -20.38 -19.09 -14.22
N ASP B 208 -20.69 -20.37 -14.38
CA ASP B 208 -22.01 -20.86 -13.97
C ASP B 208 -22.07 -21.34 -12.50
N ILE B 209 -21.07 -20.97 -11.71
CA ILE B 209 -21.06 -21.35 -10.30
C ILE B 209 -21.04 -20.07 -9.43
N ASP B 210 -21.84 -20.08 -8.37
CA ASP B 210 -21.94 -18.95 -7.46
C ASP B 210 -20.54 -18.41 -7.12
N PRO B 211 -20.26 -17.14 -7.45
CA PRO B 211 -18.96 -16.55 -7.16
C PRO B 211 -18.65 -16.51 -5.67
N ALA B 212 -19.67 -16.71 -4.84
CA ALA B 212 -19.49 -16.69 -3.40
C ALA B 212 -19.05 -18.08 -2.92
N ASP B 213 -19.14 -19.05 -3.81
CA ASP B 213 -18.77 -20.43 -3.49
C ASP B 213 -17.29 -20.70 -3.87
N PRO B 214 -16.49 -21.19 -2.92
CA PRO B 214 -15.09 -21.47 -3.19
C PRO B 214 -14.87 -22.47 -4.35
N THR B 215 -15.82 -23.38 -4.54
N THR B 215 -15.82 -23.40 -4.53
CA THR B 215 -15.73 -24.39 -5.58
CA THR B 215 -15.70 -24.39 -5.60
C THR B 215 -15.69 -23.74 -6.99
C THR B 215 -15.68 -23.74 -6.99
N ALA B 216 -16.10 -22.48 -7.06
CA ALA B 216 -16.11 -21.76 -8.33
C ALA B 216 -14.70 -21.45 -8.86
N TYR B 217 -13.76 -21.22 -7.96
CA TYR B 217 -12.41 -20.86 -8.36
C TYR B 217 -11.49 -22.02 -8.73
N ARG B 218 -10.88 -21.89 -9.90
CA ARG B 218 -10.00 -22.93 -10.42
C ARG B 218 -8.60 -22.42 -10.78
N THR B 219 -7.64 -23.33 -10.70
CA THR B 219 -6.25 -23.05 -11.05
C THR B 219 -5.99 -23.69 -12.40
N GLY B 220 -5.49 -22.89 -13.34
CA GLY B 220 -5.19 -23.42 -14.65
C GLY B 220 -3.71 -23.35 -14.91
N LEU B 221 -3.27 -24.02 -15.97
N LEU B 221 -3.27 -24.02 -15.96
CA LEU B 221 -1.86 -24.02 -16.33
CA LEU B 221 -1.86 -24.02 -16.34
C LEU B 221 -1.75 -23.58 -17.80
C LEU B 221 -1.77 -23.57 -17.80
N LEU B 222 -0.90 -22.61 -18.06
CA LEU B 222 -0.70 -22.12 -19.42
C LEU B 222 0.67 -22.63 -19.86
N THR B 223 0.72 -23.32 -21.00
CA THR B 223 1.99 -23.82 -21.50
C THR B 223 2.18 -23.38 -22.95
N MET B 224 3.24 -22.62 -23.19
CA MET B 224 3.57 -22.15 -24.53
C MET B 224 4.79 -22.97 -24.96
N ASP B 225 4.58 -23.92 -25.86
CA ASP B 225 5.68 -24.77 -26.33
C ASP B 225 6.48 -24.01 -27.38
N LEU B 226 7.72 -23.66 -27.02
CA LEU B 226 8.60 -22.91 -27.91
C LEU B 226 9.15 -23.72 -29.09
N GLU B 227 8.96 -25.04 -29.04
N GLU B 227 8.96 -25.03 -29.05
CA GLU B 227 9.44 -25.90 -30.11
CA GLU B 227 9.44 -25.88 -30.14
C GLU B 227 8.32 -26.14 -31.15
C GLU B 227 8.32 -26.15 -31.17
N THR B 228 7.14 -26.49 -30.68
CA THR B 228 6.00 -26.75 -31.56
C THR B 228 5.26 -25.45 -31.91
N GLY B 229 5.42 -24.44 -31.07
CA GLY B 229 4.76 -23.17 -31.30
C GLY B 229 3.32 -23.16 -30.84
N GLU B 230 2.91 -24.21 -30.13
CA GLU B 230 1.53 -24.32 -29.66
C GLU B 230 1.35 -23.94 -28.18
N MET B 231 0.26 -23.22 -27.90
CA MET B 231 -0.04 -22.83 -26.54
C MET B 231 -1.29 -23.56 -26.06
N ALA B 232 -1.22 -24.12 -24.86
CA ALA B 232 -2.35 -24.82 -24.29
C ALA B 232 -2.69 -24.20 -22.94
N MET B 233 -3.98 -24.12 -22.66
CA MET B 233 -4.48 -23.57 -21.40
C MET B 233 -5.56 -24.53 -20.92
N ARG B 234 -5.45 -24.97 -19.67
CA ARG B 234 -6.42 -25.88 -19.10
C ARG B 234 -6.42 -25.87 -17.58
N GLU B 235 -7.59 -26.15 -17.03
CA GLU B 235 -7.79 -26.22 -15.59
C GLU B 235 -7.06 -27.48 -15.07
N VAL B 236 -6.38 -27.38 -13.94
CA VAL B 236 -5.68 -28.53 -13.37
C VAL B 236 -6.17 -28.92 -11.95
N ARG B 237 -6.83 -27.98 -11.28
CA ARG B 237 -7.36 -28.27 -9.94
C ARG B 237 -8.25 -27.12 -9.44
N ILE B 238 -8.98 -27.38 -8.37
CA ILE B 238 -9.82 -26.36 -7.75
C ILE B 238 -8.82 -25.53 -6.95
N MET B 239 -8.89 -24.22 -7.09
CA MET B 239 -7.95 -23.32 -6.43
C MET B 239 -8.08 -23.16 -4.91
N ASP B 240 -7.15 -23.75 -4.17
CA ASP B 240 -7.18 -23.60 -2.72
C ASP B 240 -5.90 -22.85 -2.30
N VAL B 241 -4.90 -22.87 -3.16
CA VAL B 241 -3.64 -22.17 -2.91
C VAL B 241 -3.14 -21.44 -4.17
N PHE B 242 -2.20 -20.54 -3.96
CA PHE B 242 -1.60 -19.75 -5.03
C PHE B 242 -0.13 -20.15 -5.24
N TYR B 243 0.33 -20.14 -6.49
CA TYR B 243 1.73 -20.45 -6.82
C TYR B 243 2.23 -19.24 -7.62
N PHE B 244 3.48 -18.83 -7.39
CA PHE B 244 4.03 -17.70 -8.13
C PHE B 244 4.50 -18.10 -9.53
N SER B 245 5.11 -19.27 -9.66
CA SER B 245 5.59 -19.70 -10.96
C SER B 245 5.60 -21.22 -11.09
N THR B 246 5.83 -21.67 -12.33
CA THR B 246 5.87 -23.08 -12.66
C THR B 246 6.96 -23.38 -13.70
N ALA B 247 7.48 -24.60 -13.66
CA ALA B 247 8.48 -25.03 -14.63
C ALA B 247 8.06 -26.44 -15.06
N VAL B 248 8.27 -26.75 -16.33
CA VAL B 248 7.91 -28.05 -16.89
C VAL B 248 9.20 -28.90 -17.03
N ASN B 249 9.08 -30.20 -16.87
CA ASN B 249 10.26 -31.07 -16.99
C ASN B 249 10.59 -31.30 -18.47
N PRO B 250 11.83 -31.73 -18.77
CA PRO B 250 12.24 -31.98 -20.15
C PRO B 250 11.27 -32.89 -20.93
N ALA B 251 10.72 -33.90 -20.27
CA ALA B 251 9.80 -34.85 -20.89
C ALA B 251 8.44 -34.22 -21.25
N LYS B 252 8.14 -33.07 -20.66
CA LYS B 252 6.88 -32.39 -20.91
C LYS B 252 5.70 -33.19 -20.36
N THR B 253 5.95 -33.96 -19.30
CA THR B 253 4.91 -34.77 -18.69
C THR B 253 4.50 -34.22 -17.32
N ARG B 254 5.29 -33.30 -16.79
CA ARG B 254 4.99 -32.72 -15.49
C ARG B 254 5.36 -31.25 -15.34
N ALA B 255 4.61 -30.56 -14.48
CA ALA B 255 4.85 -29.16 -14.19
C ALA B 255 4.89 -29.05 -12.67
N PHE B 256 5.73 -28.14 -12.16
CA PHE B 256 5.85 -27.95 -10.73
C PHE B 256 5.61 -26.48 -10.39
N GLY B 257 4.71 -26.23 -9.45
CA GLY B 257 4.41 -24.86 -9.05
C GLY B 257 4.80 -24.60 -7.61
N ALA B 258 5.18 -23.36 -7.30
CA ALA B 258 5.59 -23.06 -5.93
C ALA B 258 5.32 -21.63 -5.46
N TYR B 259 5.26 -21.50 -4.14
CA TYR B 259 5.08 -20.25 -3.40
C TYR B 259 5.31 -20.65 -1.93
N ASN B 260 4.24 -21.00 -1.23
CA ASN B 260 4.35 -21.43 0.16
C ASN B 260 4.25 -22.96 0.25
N VAL B 261 3.91 -23.58 -0.88
CA VAL B 261 3.84 -25.02 -0.98
C VAL B 261 4.44 -25.37 -2.34
N LEU B 262 4.83 -26.64 -2.50
N LEU B 262 4.82 -26.64 -2.50
CA LEU B 262 5.37 -27.13 -3.76
CA LEU B 262 5.38 -27.13 -3.75
C LEU B 262 4.42 -28.22 -4.24
C LEU B 262 4.42 -28.22 -4.23
N GLU B 263 3.91 -28.07 -5.46
CA GLU B 263 2.98 -29.05 -6.00
C GLU B 263 3.36 -29.49 -7.41
N SER B 264 3.27 -30.80 -7.64
CA SER B 264 3.57 -31.38 -8.94
C SER B 264 2.25 -31.69 -9.65
N PHE B 265 2.24 -31.51 -10.97
CA PHE B 265 1.06 -31.77 -11.78
C PHE B 265 1.37 -32.71 -12.94
N ASP B 266 0.41 -33.58 -13.26
CA ASP B 266 0.53 -34.53 -14.35
C ASP B 266 -0.05 -33.84 -15.59
N LEU B 267 0.81 -33.53 -16.56
CA LEU B 267 0.36 -32.84 -17.78
C LEU B 267 -0.39 -33.74 -18.75
N GLU B 268 -0.40 -35.05 -18.48
CA GLU B 268 -1.10 -36.00 -19.34
C GLU B 268 -2.56 -36.12 -18.85
N LYS B 269 -2.76 -35.97 -17.54
CA LYS B 269 -4.09 -36.05 -16.94
C LYS B 269 -4.60 -34.66 -16.55
N ASN B 270 -3.69 -33.67 -16.56
CA ASN B 270 -4.04 -32.32 -16.16
C ASN B 270 -4.67 -32.40 -14.77
N ALA B 271 -3.92 -33.01 -13.85
CA ALA B 271 -4.37 -33.17 -12.48
C ALA B 271 -3.16 -33.11 -11.53
N SER B 272 -3.44 -32.92 -10.25
CA SER B 272 -2.40 -32.85 -9.24
C SER B 272 -1.86 -34.25 -8.90
N ILE B 273 -0.56 -34.30 -8.61
CA ILE B 273 0.11 -35.55 -8.25
C ILE B 273 0.42 -35.56 -6.73
N LYS B 274 1.07 -34.49 -6.27
CA LYS B 274 1.44 -34.39 -4.86
C LYS B 274 1.76 -32.95 -4.45
N ARG B 275 1.63 -32.66 -3.16
CA ARG B 275 1.92 -31.33 -2.62
C ARG B 275 2.65 -31.47 -1.27
N VAL B 276 3.64 -30.61 -1.06
CA VAL B 276 4.40 -30.59 0.19
C VAL B 276 4.58 -29.13 0.61
N PRO B 277 4.69 -28.88 1.92
CA PRO B 277 4.88 -27.52 2.40
C PRO B 277 6.32 -27.06 2.20
N LEU B 278 6.56 -25.75 2.34
CA LEU B 278 7.89 -25.19 2.18
C LEU B 278 8.28 -24.42 3.46
N PRO B 279 9.59 -24.39 3.79
CA PRO B 279 10.10 -23.70 4.99
C PRO B 279 9.89 -22.19 4.97
N HIS B 280 9.79 -21.63 3.77
CA HIS B 280 9.56 -20.20 3.61
C HIS B 280 9.07 -19.98 2.17
N SER B 281 8.61 -18.77 1.88
CA SER B 281 8.12 -18.48 0.53
C SER B 281 9.23 -18.55 -0.51
N TYR B 282 8.93 -19.14 -1.67
CA TYR B 282 9.85 -19.21 -2.79
C TYR B 282 9.10 -18.65 -4.01
N TYR B 283 9.83 -18.26 -5.05
CA TYR B 283 9.23 -17.72 -6.27
C TYR B 283 9.51 -18.54 -7.53
N SER B 284 10.79 -18.83 -7.75
CA SER B 284 11.24 -19.52 -8.95
C SER B 284 11.24 -21.05 -8.90
N VAL B 285 11.08 -21.64 -10.09
CA VAL B 285 11.07 -23.09 -10.23
C VAL B 285 11.79 -23.50 -11.51
N ASN B 286 12.68 -24.50 -11.39
CA ASN B 286 13.38 -25.01 -12.55
C ASN B 286 13.50 -26.53 -12.39
N VAL B 287 13.81 -27.21 -13.49
CA VAL B 287 13.94 -28.66 -13.46
C VAL B 287 15.27 -29.07 -14.11
N SER B 288 15.96 -30.01 -13.46
CA SER B 288 17.25 -30.50 -13.95
C SER B 288 17.09 -31.17 -15.32
N THR B 289 18.20 -31.28 -16.04
CA THR B 289 18.21 -31.88 -17.38
C THR B 289 17.67 -33.32 -17.38
N ASP B 290 17.97 -34.08 -16.32
CA ASP B 290 17.50 -35.46 -16.24
C ASP B 290 16.07 -35.55 -15.68
N GLY B 291 15.50 -34.38 -15.36
CA GLY B 291 14.15 -34.32 -14.85
C GLY B 291 13.87 -34.94 -13.50
N SER B 292 14.91 -35.26 -12.73
CA SER B 292 14.72 -35.89 -11.43
C SER B 292 14.76 -34.89 -10.26
N THR B 293 15.22 -33.68 -10.52
CA THR B 293 15.35 -32.68 -9.45
C THR B 293 14.68 -31.35 -9.78
N VAL B 294 13.88 -30.87 -8.84
CA VAL B 294 13.17 -29.61 -8.98
C VAL B 294 13.91 -28.59 -8.10
N TRP B 295 14.27 -27.45 -8.67
CA TRP B 295 14.99 -26.42 -7.94
C TRP B 295 14.15 -25.18 -7.67
N LEU B 296 14.04 -24.80 -6.40
CA LEU B 296 13.27 -23.62 -6.03
C LEU B 296 14.21 -22.49 -5.63
N GLY B 297 13.87 -21.26 -6.00
CA GLY B 297 14.70 -20.13 -5.67
C GLY B 297 13.89 -18.85 -5.49
N GLY B 298 14.58 -17.71 -5.55
CA GLY B 298 13.91 -16.43 -5.39
C GLY B 298 13.57 -16.13 -3.95
N ALA B 299 13.05 -14.92 -3.71
CA ALA B 299 12.63 -14.47 -2.39
C ALA B 299 13.78 -14.27 -1.38
N LEU B 300 14.36 -15.36 -0.91
CA LEU B 300 15.46 -15.25 0.04
C LEU B 300 16.80 -15.58 -0.65
N GLY B 301 17.74 -16.17 0.09
CA GLY B 301 19.03 -16.46 -0.51
C GLY B 301 19.49 -17.90 -0.59
N ASP B 302 18.55 -18.82 -0.78
CA ASP B 302 18.91 -20.23 -0.89
C ASP B 302 18.14 -20.93 -2.01
N LEU B 303 18.83 -21.85 -2.65
CA LEU B 303 18.26 -22.65 -3.72
C LEU B 303 17.98 -24.02 -3.10
N ALA B 304 16.74 -24.47 -3.16
CA ALA B 304 16.36 -25.76 -2.57
C ALA B 304 16.07 -26.79 -3.65
N ALA B 305 16.65 -27.97 -3.47
CA ALA B 305 16.48 -29.06 -4.43
C ALA B 305 15.50 -30.11 -3.88
N TYR B 306 14.54 -30.51 -4.72
CA TYR B 306 13.55 -31.51 -4.34
C TYR B 306 13.49 -32.65 -5.34
N ASP B 307 13.19 -33.85 -4.86
CA ASP B 307 13.08 -35.01 -5.75
C ASP B 307 11.78 -34.78 -6.53
N ALA B 308 11.87 -34.87 -7.85
CA ALA B 308 10.71 -34.63 -8.72
C ALA B 308 9.54 -35.60 -8.53
N GLU B 309 9.82 -36.79 -8.00
CA GLU B 309 8.78 -37.78 -7.82
C GLU B 309 8.17 -37.76 -6.41
N THR B 310 9.01 -37.77 -5.38
CA THR B 310 8.55 -37.78 -4.01
C THR B 310 8.39 -36.38 -3.39
N LEU B 311 8.99 -35.39 -4.03
CA LEU B 311 8.97 -34.01 -3.55
C LEU B 311 9.66 -33.87 -2.18
N GLU B 312 10.52 -34.84 -1.88
CA GLU B 312 11.28 -34.81 -0.64
C GLU B 312 12.46 -33.87 -0.88
N LYS B 313 12.81 -33.05 0.10
CA LYS B 313 13.92 -32.13 -0.07
C LYS B 313 15.25 -32.90 -0.13
N LYS B 314 16.02 -32.66 -1.17
CA LYS B 314 17.31 -33.33 -1.35
C LYS B 314 18.46 -32.52 -0.72
N GLY B 315 18.34 -31.21 -0.76
CA GLY B 315 19.39 -30.38 -0.20
C GLY B 315 19.15 -28.91 -0.42
N GLN B 316 20.12 -28.09 -0.01
CA GLN B 316 20.01 -26.65 -0.13
C GLN B 316 21.38 -26.03 -0.39
N VAL B 317 21.42 -25.05 -1.28
CA VAL B 317 22.67 -24.36 -1.57
C VAL B 317 22.44 -22.89 -1.22
N ASP B 318 23.17 -22.41 -0.21
CA ASP B 318 23.03 -21.02 0.21
C ASP B 318 23.94 -20.10 -0.62
N LEU B 319 23.38 -18.99 -1.09
CA LEU B 319 24.18 -18.06 -1.86
C LEU B 319 25.11 -17.35 -0.87
N PRO B 320 26.22 -16.78 -1.35
CA PRO B 320 27.15 -16.08 -0.46
C PRO B 320 26.45 -14.99 0.35
N GLY B 321 26.65 -15.03 1.67
CA GLY B 321 26.05 -14.04 2.54
C GLY B 321 24.54 -14.10 2.57
N ASN B 322 23.98 -15.19 2.05
CA ASN B 322 22.53 -15.38 1.98
C ASN B 322 21.87 -14.23 1.20
N ALA B 323 22.63 -13.64 0.29
CA ALA B 323 22.12 -12.53 -0.52
C ALA B 323 20.83 -12.95 -1.26
N SER B 324 19.77 -12.17 -1.05
CA SER B 324 18.47 -12.43 -1.67
C SER B 324 18.47 -12.43 -3.21
N MET B 325 17.60 -13.27 -3.76
CA MET B 325 17.42 -13.39 -5.20
C MET B 325 16.19 -12.54 -5.62
N SER B 326 15.41 -12.09 -4.64
CA SER B 326 14.22 -11.30 -4.91
C SER B 326 13.40 -12.01 -6.00
N LEU B 327 12.82 -11.26 -6.93
CA LEU B 327 12.02 -11.85 -7.99
C LEU B 327 12.81 -12.04 -9.31
N ALA B 328 14.14 -11.99 -9.21
CA ALA B 328 14.97 -12.17 -10.39
C ALA B 328 14.84 -13.61 -10.93
N SER B 329 15.06 -13.78 -12.23
CA SER B 329 14.97 -15.10 -12.84
C SER B 329 16.21 -15.96 -12.52
N VAL B 330 15.98 -17.25 -12.27
CA VAL B 330 17.05 -18.19 -11.97
C VAL B 330 17.07 -19.20 -13.13
N ARG B 331 18.20 -19.30 -13.81
CA ARG B 331 18.32 -20.20 -14.95
C ARG B 331 19.16 -21.45 -14.66
N LEU B 332 18.90 -22.50 -15.43
CA LEU B 332 19.64 -23.75 -15.27
C LEU B 332 20.26 -24.04 -16.65
N PHE B 333 21.58 -24.20 -16.68
CA PHE B 333 22.26 -24.46 -17.94
C PHE B 333 23.19 -25.68 -17.84
N THR B 334 23.81 -26.03 -18.96
CA THR B 334 24.72 -27.16 -19.00
C THR B 334 26.08 -26.84 -19.62
N ARG B 335 27.06 -27.68 -19.29
CA ARG B 335 28.41 -27.59 -19.83
C ARG B 335 28.76 -29.04 -20.14
N ASP B 336 29.35 -29.28 -21.31
CA ASP B 336 29.69 -30.65 -21.69
C ASP B 336 30.69 -31.23 -20.68
N GLU B 337 30.16 -31.91 -19.67
CA GLU B 337 30.93 -32.53 -18.60
C GLU B 337 32.29 -31.88 -18.34
N MET C 1 -10.50 -3.33 0.77
CA MET C 1 -10.65 -2.90 2.18
C MET C 1 -10.75 -1.37 2.23
N ASN C 2 -11.88 -0.85 1.79
CA ASN C 2 -12.11 0.58 1.79
C ASN C 2 -11.97 1.11 3.22
N ALA C 3 -12.11 0.22 4.19
CA ALA C 3 -11.98 0.59 5.60
C ALA C 3 -10.49 0.62 5.98
N LEU C 4 -9.68 -0.15 5.27
CA LEU C 4 -8.25 -0.19 5.53
C LEU C 4 -7.60 0.94 4.70
N VAL C 5 -7.85 2.17 5.13
CA VAL C 5 -7.33 3.36 4.47
C VAL C 5 -5.80 3.41 4.49
N GLY C 6 -5.20 3.46 3.31
CA GLY C 6 -3.74 3.52 3.25
C GLY C 6 -3.10 2.20 2.89
N CYS C 7 -3.90 1.14 2.87
CA CYS C 7 -3.39 -0.19 2.52
C CYS C 7 -3.68 -0.43 1.03
N THR C 8 -2.95 -1.35 0.42
CA THR C 8 -3.14 -1.66 -0.99
C THR C 8 -4.25 -2.70 -1.23
N THR C 9 -4.89 -2.60 -2.40
CA THR C 9 -5.94 -3.54 -2.77
C THR C 9 -5.48 -4.39 -3.97
N SER C 10 -4.18 -4.35 -4.27
CA SER C 10 -3.59 -5.16 -5.35
C SER C 10 -2.99 -6.38 -4.64
N PHE C 11 -3.71 -7.50 -4.70
CA PHE C 11 -3.31 -8.73 -4.04
C PHE C 11 -2.45 -9.70 -4.86
N ASP C 12 -1.15 -9.44 -4.92
CA ASP C 12 -0.21 -10.31 -5.66
C ASP C 12 0.96 -10.78 -4.77
N PRO C 13 0.68 -11.29 -3.55
CA PRO C 13 -0.57 -11.52 -2.83
C PRO C 13 -1.14 -10.34 -2.03
N GLY C 14 -0.42 -9.22 -2.01
CA GLY C 14 -0.90 -8.06 -1.27
C GLY C 14 0.14 -7.62 -0.25
N TRP C 15 -0.20 -6.65 0.60
CA TRP C 15 0.74 -6.22 1.61
C TRP C 15 0.12 -6.20 3.01
N GLU C 16 -0.93 -5.40 3.21
CA GLU C 16 -1.61 -5.34 4.51
C GLU C 16 -2.44 -6.61 4.74
N VAL C 17 -3.18 -7.00 3.70
N VAL C 17 -3.18 -7.00 3.70
CA VAL C 17 -4.01 -8.19 3.76
CA VAL C 17 -4.05 -8.17 3.74
C VAL C 17 -3.96 -8.90 2.40
C VAL C 17 -3.99 -8.89 2.39
N ASP C 18 -4.30 -10.19 2.38
CA ASP C 18 -4.28 -10.95 1.15
C ASP C 18 -5.65 -11.00 0.45
N ALA C 19 -5.69 -11.63 -0.72
CA ALA C 19 -6.93 -11.72 -1.50
C ALA C 19 -8.06 -12.47 -0.79
N PHE C 20 -7.72 -13.27 0.22
CA PHE C 20 -8.71 -14.04 0.96
C PHE C 20 -9.18 -13.33 2.23
N GLY C 21 -8.83 -12.06 2.38
CA GLY C 21 -9.23 -11.32 3.56
C GLY C 21 -8.54 -11.81 4.82
N ALA C 22 -7.34 -12.35 4.67
CA ALA C 22 -6.57 -12.84 5.81
C ALA C 22 -5.11 -12.40 5.67
N VAL C 23 -4.20 -12.99 6.44
CA VAL C 23 -2.79 -12.63 6.34
C VAL C 23 -1.90 -13.84 6.07
N SER C 24 -2.49 -15.03 6.03
CA SER C 24 -1.72 -16.25 5.80
C SER C 24 -1.20 -16.46 4.36
N ASN C 25 -1.71 -15.70 3.40
CA ASN C 25 -1.23 -15.85 2.03
C ASN C 25 -0.17 -14.80 1.69
N LEU C 26 0.14 -13.94 2.65
CA LEU C 26 1.17 -12.94 2.45
C LEU C 26 2.48 -13.75 2.57
N CYS C 27 3.61 -13.16 2.21
CA CYS C 27 4.86 -13.90 2.31
C CYS C 27 5.11 -14.44 3.71
N GLN C 28 5.70 -15.62 3.77
CA GLN C 28 6.01 -16.25 5.05
C GLN C 28 7.53 -16.53 5.16
N PRO C 29 8.26 -15.68 5.90
CA PRO C 29 7.77 -14.50 6.62
C PRO C 29 7.67 -13.35 5.61
N MET C 30 7.18 -12.19 6.05
CA MET C 30 7.06 -11.04 5.18
C MET C 30 8.38 -10.68 4.50
N GLU C 31 9.48 -10.88 5.21
CA GLU C 31 10.80 -10.57 4.69
C GLU C 31 11.11 -11.31 3.38
N ALA C 32 10.46 -12.45 3.18
CA ALA C 32 10.67 -13.24 1.96
C ALA C 32 9.98 -12.62 0.73
N ASP C 33 9.01 -11.73 0.96
CA ASP C 33 8.30 -11.08 -0.15
C ASP C 33 8.69 -9.60 -0.22
N LEU C 34 9.45 -9.14 0.77
CA LEU C 34 9.83 -7.74 0.84
C LEU C 34 10.53 -7.18 -0.41
N TYR C 35 11.57 -7.87 -0.89
CA TYR C 35 12.28 -7.37 -2.07
C TYR C 35 11.51 -7.66 -3.35
N GLY C 36 10.63 -8.67 -3.33
CA GLY C 36 9.82 -8.95 -4.48
C GLY C 36 8.86 -7.79 -4.66
N CYS C 37 8.56 -7.12 -3.56
CA CYS C 37 7.66 -5.97 -3.59
C CYS C 37 8.45 -4.69 -3.92
N ALA C 38 9.61 -4.58 -3.31
CA ALA C 38 10.48 -3.42 -3.48
C ALA C 38 11.12 -3.25 -4.87
N ASP C 39 11.80 -4.28 -5.34
CA ASP C 39 12.52 -4.18 -6.61
C ASP C 39 11.68 -3.82 -7.86
N PRO C 40 10.45 -4.34 -7.97
CA PRO C 40 9.68 -3.96 -9.15
C PRO C 40 8.66 -2.86 -8.76
N CYS C 41 8.78 -2.35 -7.54
CA CYS C 41 7.89 -1.32 -7.03
C CYS C 41 6.43 -1.76 -7.21
N TRP C 42 6.12 -2.96 -6.73
CA TRP C 42 4.77 -3.50 -6.86
C TRP C 42 3.73 -2.78 -5.98
N TRW C 43 4.16 -2.28 -4.79
CA TRW C 43 3.30 -1.55 -3.84
CB TRW C 43 3.11 -2.54 -2.65
CG TRW C 43 2.35 -3.80 -3.02
CD2 TRW C 43 2.94 -5.09 -3.20
CE2 TRW C 43 1.88 -5.99 -3.55
CE3 TRW C 43 4.27 -5.58 -3.12
CD1 TRW C 43 1.02 -3.95 -3.25
NE1 TRW C 43 0.73 -5.25 -3.57
CZ2 TRW C 43 2.11 -7.37 -3.83
CZ3 TRW C 43 4.51 -6.96 -3.38
CH2 TRW C 43 3.43 -7.84 -3.75
N6 TRW C 43 3.67 -9.11 -4.01
O7 TRW C 43 1.09 -8.03 -4.12
C TRW C 43 4.07 -0.31 -3.41
O TRW C 43 4.45 -0.18 -2.25
N1 TRW C 43 4.92 -9.63 -4.24
C1 TRW C 43 5.30 -9.92 -5.53
C2 TRW C 43 4.65 -9.37 -6.77
C3 TRW C 43 5.10 -9.70 -8.15
C4 TRW C 43 6.22 -10.59 -8.34
C5 TRW C 43 6.90 -11.16 -7.17
C6 TRW C 43 6.45 -10.83 -5.80
N PRO C 44 4.31 0.61 -4.35
CA PRO C 44 5.06 1.83 -4.09
C PRO C 44 4.51 2.76 -3.02
N ALA C 45 3.26 2.56 -2.62
CA ALA C 45 2.69 3.41 -1.57
C ALA C 45 2.95 2.80 -0.17
N GLN C 46 3.36 1.53 -0.14
CA GLN C 46 3.64 0.84 1.13
C GLN C 46 5.09 0.36 1.30
N VAL C 47 5.72 -0.04 0.21
CA VAL C 47 7.10 -0.53 0.26
C VAL C 47 7.95 0.30 -0.71
N ALA C 48 9.13 0.71 -0.27
CA ALA C 48 10.01 1.53 -1.09
C ALA C 48 10.33 0.85 -2.42
N ASP C 49 10.12 1.55 -3.53
CA ASP C 49 10.40 0.99 -4.85
C ASP C 49 11.85 1.31 -5.25
N THR C 50 12.69 0.28 -5.31
CA THR C 50 14.08 0.45 -5.67
C THR C 50 14.26 0.57 -7.19
N LEU C 51 13.19 0.29 -7.94
CA LEU C 51 13.25 0.36 -9.39
C LEU C 51 13.50 1.80 -9.86
N ASN C 52 12.95 2.77 -9.15
CA ASN C 52 13.13 4.18 -9.52
C ASN C 52 13.28 5.17 -8.35
N THR C 53 12.25 5.28 -7.53
CA THR C 53 12.23 6.25 -6.44
C THR C 53 13.28 6.10 -5.32
N TYR C 54 13.49 4.88 -4.83
CA TYR C 54 14.46 4.64 -3.75
C TYR C 54 15.43 3.51 -4.11
N PRO C 55 16.27 3.73 -5.12
CA PRO C 55 17.25 2.75 -5.57
C PRO C 55 18.20 2.16 -4.51
N ASN C 56 18.57 2.96 -3.53
CA ASN C 56 19.51 2.49 -2.49
C ASN C 56 18.88 2.11 -1.16
N TRP C 57 17.56 2.02 -1.11
CA TRP C 57 16.84 1.70 0.13
C TRP C 57 17.28 0.41 0.84
N SER C 58 17.62 -0.63 0.08
CA SER C 58 18.01 -1.90 0.68
C SER C 58 19.53 -2.09 0.82
N ALA C 59 20.30 -1.04 0.55
CA ALA C 59 21.75 -1.11 0.64
C ALA C 59 22.20 -1.62 2.02
N GLY C 60 23.07 -2.62 2.02
CA GLY C 60 23.58 -3.17 3.27
C GLY C 60 22.71 -4.23 3.91
N ALA C 61 21.57 -4.54 3.29
CA ALA C 61 20.68 -5.55 3.82
C ALA C 61 20.44 -6.68 2.79
N ASP C 62 21.52 -7.20 2.21
CA ASP C 62 21.39 -8.26 1.22
C ASP C 62 20.72 -9.51 1.84
N ASP C 63 21.08 -9.80 3.09
CA ASP C 63 20.52 -10.94 3.82
C ASP C 63 19.31 -10.33 4.56
N VAL C 64 18.16 -10.30 3.88
CA VAL C 64 16.96 -9.69 4.46
C VAL C 64 16.51 -10.31 5.80
N MET C 65 16.64 -11.62 5.94
CA MET C 65 16.25 -12.26 7.20
C MET C 65 17.12 -11.77 8.36
N GLN C 66 18.41 -11.58 8.10
CA GLN C 66 19.33 -11.14 9.14
C GLN C 66 19.43 -9.62 9.32
N ASP C 67 19.34 -8.88 8.23
CA ASP C 67 19.50 -7.43 8.30
C ASP C 67 18.26 -6.55 8.09
N TRP C 68 17.07 -7.10 8.33
CA TRP C 68 15.84 -6.32 8.14
C TRP C 68 15.81 -5.03 8.98
N ARG C 69 16.51 -5.02 10.11
CA ARG C 69 16.50 -3.84 10.96
C ARG C 69 17.16 -2.62 10.30
N LYS C 70 17.95 -2.84 9.26
CA LYS C 70 18.62 -1.76 8.57
C LYS C 70 17.66 -0.97 7.66
N LEU C 71 16.61 -1.64 7.21
CA LEU C 71 15.62 -1.03 6.32
C LEU C 71 14.85 0.07 7.04
N GLN C 72 14.92 1.28 6.50
CA GLN C 72 14.26 2.43 7.10
C GLN C 72 12.92 2.79 6.48
N SER C 73 12.12 3.55 7.23
CA SER C 73 10.85 4.04 6.72
C SER C 73 11.30 5.29 5.93
N VAL C 74 10.70 5.54 4.77
CA VAL C 74 11.10 6.71 3.99
C VAL C 74 10.27 7.95 4.35
N PHE C 75 9.46 7.84 5.39
CA PHE C 75 8.66 8.96 5.85
C PHE C 75 9.31 9.44 7.16
N PRO C 76 9.87 10.67 7.16
CA PRO C 76 10.54 11.28 8.31
C PRO C 76 9.83 11.13 9.67
N GLU C 77 8.74 10.36 9.70
CA GLU C 77 7.97 10.13 10.92
C GLU C 77 7.34 11.47 11.35
N THR C 78 6.12 11.70 10.89
CA THR C 78 5.38 12.91 11.20
C THR C 78 3.88 12.64 11.05
N LYS C 79 3.07 13.70 11.05
CA LYS C 79 1.62 13.56 10.90
C LYS C 79 1.27 13.07 9.49
FE HEC D . 9.21 20.49 -10.23
CHA HEC D . 6.93 18.45 -11.63
CHB HEC D . 6.79 21.95 -8.35
CHC HEC D . 11.54 22.54 -8.80
CHD HEC D . 11.65 19.11 -12.14
NA HEC D . 7.21 20.25 -10.04
C1A HEC D . 6.44 19.36 -10.73
C2A HEC D . 5.05 19.54 -10.32
C3A HEC D . 5.02 20.52 -9.42
C4A HEC D . 6.37 20.98 -9.21
CMA HEC D . 3.79 21.07 -8.69
CAA HEC D . 3.88 18.73 -10.88
CBA HEC D . 3.84 17.34 -10.25
CGA HEC D . 2.53 16.64 -10.44
O1A HEC D . 1.79 16.60 -9.40
O2A HEC D . 2.26 16.18 -11.55
NB HEC D . 9.18 21.94 -8.83
C1B HEC D . 8.06 22.39 -8.16
C2B HEC D . 8.44 23.42 -7.20
C3B HEC D . 9.78 23.58 -7.32
C4B HEC D . 10.24 22.67 -8.34
CMB HEC D . 7.47 24.16 -6.27
CAB HEC D . 10.70 24.52 -6.56
CBB HEC D . 10.97 24.06 -5.11
NC HEC D . 11.18 20.77 -10.45
C1C HEC D . 11.96 21.68 -9.77
C2C HEC D . 13.35 21.65 -10.27
C3C HEC D . 13.39 20.71 -11.21
C4C HEC D . 12.04 20.13 -11.32
CMC HEC D . 14.47 22.59 -9.74
CAC HEC D . 14.59 20.30 -12.09
CBC HEC D . 15.78 19.68 -11.37
ND HEC D . 9.29 19.04 -11.58
C1D HEC D . 10.40 18.56 -12.28
C2D HEC D . 10.00 17.46 -13.13
C3D HEC D . 8.68 17.28 -12.98
C4D HEC D . 8.23 18.28 -12.03
CMD HEC D . 10.97 16.67 -14.05
CAD HEC D . 7.78 16.22 -13.67
CBD HEC D . 7.91 14.82 -12.96
CGD HEC D . 7.38 14.75 -11.52
O1D HEC D . 8.16 14.40 -10.60
O2D HEC D . 6.19 15.04 -11.35
FE HEC E . -1.04 7.99 -7.42
CHA HEC E . 0.95 10.23 -5.80
CHB HEC E . -3.15 10.54 -8.34
CHC HEC E . -2.97 5.80 -9.18
CHD HEC E . 1.03 5.45 -6.56
NA HEC E . -1.11 10.01 -7.10
C1A HEC E . -0.19 10.74 -6.39
C2A HEC E . -0.62 12.14 -6.39
C3A HEC E . -1.76 12.22 -7.08
C4A HEC E . -2.08 10.89 -7.56
CMA HEC E . -2.61 13.47 -7.37
CAA HEC E . 0.14 13.30 -5.72
CBA HEC E . 1.11 13.94 -6.73
CGA HEC E . 1.53 15.37 -6.42
O1A HEC E . 0.56 16.20 -6.21
O2A HEC E . 2.74 15.64 -6.40
NB HEC E . -2.72 8.12 -8.54
C1B HEC E . -3.44 9.28 -8.80
C2B HEC E . -4.55 8.98 -9.68
C3B HEC E . -4.48 7.65 -9.93
C4B HEC E . -3.36 7.12 -9.21
CMB HEC E . -5.57 10.01 -10.21
CAB HEC E . -5.38 6.78 -10.82
CBB HEC E . -4.92 6.84 -12.30
NC HEC E . -0.98 6.03 -7.77
C1C HEC E . -1.89 5.29 -8.51
C2C HEC E . -1.55 3.88 -8.50
C3C HEC E . -0.44 3.76 -7.75
C4C HEC E . -0.07 5.11 -7.31
CMC HEC E . -2.37 2.78 -9.23
CAC HEC E . 0.31 2.48 -7.40
CBC HEC E . 1.00 1.76 -8.57
ND HEC E . 0.65 7.86 -6.40
C1D HEC E . 1.40 6.71 -6.13
C2D HEC E . 2.58 7.04 -5.37
C3D HEC E . 2.57 8.38 -5.16
C4D HEC E . 1.35 8.90 -5.80
CMD HEC E . 3.63 6.03 -4.89
CAD HEC E . 3.62 9.22 -4.41
CBD HEC E . 4.73 9.69 -5.41
CGD HEC E . 5.77 10.61 -4.78
O1D HEC E . 5.47 11.78 -4.51
O2D HEC E . 6.90 10.10 -4.59
O TBU F . 13.82 17.76 28.31
C TBU F . 13.02 16.60 28.06
C1 TBU F . 13.67 15.91 26.84
C2 TBU F . 11.62 17.03 27.71
C3 TBU F . 13.01 15.74 29.31
O TBU G . -1.98 11.61 25.97
C TBU G . -1.29 11.82 24.74
C1 TBU G . -1.21 13.29 24.43
C2 TBU G . -2.05 11.10 23.64
C3 TBU G . 0.13 11.25 24.96
O TBU H . -22.00 -24.47 -6.33
C TBU H . -22.58 -25.77 -6.21
C1 TBU H . -21.50 -26.67 -5.62
C2 TBU H . -22.96 -26.27 -7.59
C3 TBU H . -23.82 -25.66 -5.34
O TBU I . 0.26 -3.85 -32.23
C TBU I . 1.32 -2.98 -31.86
C1 TBU I . 1.04 -2.43 -30.47
C2 TBU I . 1.39 -1.89 -32.94
C3 TBU I . 2.63 -3.75 -31.85
#